data_5BQ6
#
_entry.id   5BQ6
#
_cell.length_a   76.293
_cell.length_b   76.293
_cell.length_c   488.558
_cell.angle_alpha   90.00
_cell.angle_beta   90.00
_cell.angle_gamma   90.00
#
_symmetry.space_group_name_H-M   'I 41 2 2'
#
loop_
_entity.id
_entity.type
_entity.pdbx_description
1 polymer 'ATP synthase subunit 9, mitochondrial'
2 non-polymer 'oligomycin B'
3 water water
#
_entity_poly.entity_id   1
_entity_poly.type   'polypeptide(L)'
_entity_poly.pdbx_seq_one_letter_code
;(FME)QLVLAAKYIGAGISTIGLLGAGIGIAIVFAALINGVSRNPSIKDTVFPMAILGFALSEATGLFCLMVSFLLLFGV
;
_entity_poly.pdbx_strand_id   A,B,C,D,E,K,L,M,N,O
#
# COMPACT_ATOMS: atom_id res chain seq x y z
N GLN A 2 -16.20 -20.22 36.50
CA GLN A 2 -14.81 -20.43 37.01
C GLN A 2 -13.79 -20.40 35.86
N LEU A 3 -14.22 -20.85 34.68
CA LEU A 3 -13.38 -20.84 33.49
C LEU A 3 -13.10 -19.41 33.00
N VAL A 4 -14.11 -18.55 33.14
CA VAL A 4 -14.02 -17.13 32.76
C VAL A 4 -13.09 -16.39 33.73
N LEU A 5 -13.29 -16.64 35.03
CA LEU A 5 -12.43 -16.11 36.08
C LEU A 5 -10.97 -16.53 35.87
N ALA A 6 -10.76 -17.81 35.55
CA ALA A 6 -9.43 -18.32 35.26
C ALA A 6 -8.77 -17.56 34.11
N ALA A 7 -9.54 -17.34 33.05
CA ALA A 7 -9.08 -16.63 31.86
C ALA A 7 -8.64 -15.21 32.17
N LYS A 8 -9.38 -14.54 33.05
CA LYS A 8 -9.06 -13.20 33.49
C LYS A 8 -7.67 -13.14 34.12
N TYR A 9 -7.38 -14.10 35.00
CA TYR A 9 -6.09 -14.14 35.69
C TYR A 9 -4.92 -14.43 34.75
N ILE A 10 -5.09 -15.40 33.84
CA ILE A 10 -4.11 -15.70 32.80
C ILE A 10 -3.90 -14.49 31.91
N GLY A 11 -4.99 -13.91 31.43
CA GLY A 11 -4.96 -12.70 30.63
C GLY A 11 -4.27 -11.51 31.32
N ALA A 12 -4.49 -11.35 32.62
CA ALA A 12 -3.85 -10.28 33.39
C ALA A 12 -2.32 -10.43 33.39
N GLY A 13 -1.86 -11.66 33.58
CA GLY A 13 -0.43 -12.00 33.46
C GLY A 13 0.15 -11.72 32.08
N ILE A 14 -0.51 -12.20 31.02
CA ILE A 14 -0.03 -12.02 29.64
C ILE A 14 0.09 -10.53 29.34
N SER A 15 -0.83 -9.77 29.94
CA SER A 15 -0.98 -8.33 29.74
C SER A 15 0.22 -7.52 30.25
N THR A 16 1.04 -8.09 31.12
CA THR A 16 2.20 -7.34 31.61
C THR A 16 3.44 -7.48 30.73
N ILE A 17 3.40 -8.41 29.77
CA ILE A 17 4.55 -8.69 28.91
C ILE A 17 5.04 -7.43 28.18
N GLY A 18 4.08 -6.67 27.64
CA GLY A 18 4.37 -5.46 26.88
C GLY A 18 5.11 -4.37 27.65
N LEU A 19 5.05 -4.44 28.98
CA LEU A 19 5.84 -3.56 29.86
C LEU A 19 7.36 -3.62 29.61
N LEU A 20 7.82 -4.72 29.01
CA LEU A 20 9.25 -4.87 28.69
C LEU A 20 9.71 -3.81 27.64
N GLY A 21 8.76 -3.30 26.85
CA GLY A 21 9.05 -2.30 25.83
C GLY A 21 9.39 -0.95 26.45
N ALA A 22 8.56 -0.56 27.41
CA ALA A 22 8.75 0.64 28.19
C ALA A 22 10.04 0.54 29.00
N GLY A 23 10.30 -0.62 29.62
CA GLY A 23 11.53 -0.84 30.38
C GLY A 23 12.79 -0.61 29.55
N ILE A 24 12.75 -1.08 28.29
CA ILE A 24 13.90 -0.96 27.38
C ILE A 24 13.92 0.45 26.78
N GLY A 25 12.74 0.91 26.37
CA GLY A 25 12.58 2.22 25.77
C GLY A 25 12.93 3.40 26.65
N ILE A 26 12.51 3.39 27.90
CA ILE A 26 12.93 4.42 28.85
C ILE A 26 14.48 4.45 28.90
N ALA A 27 15.08 3.26 28.96
CA ALA A 27 16.53 3.17 29.01
C ALA A 27 17.20 3.73 27.76
N ILE A 28 16.61 3.45 26.60
CA ILE A 28 17.14 3.97 25.32
C ILE A 28 17.18 5.51 25.35
N VAL A 29 16.13 6.13 25.91
CA VAL A 29 16.04 7.59 25.96
C VAL A 29 17.12 8.15 26.86
N PHE A 30 17.24 7.62 28.09
CA PHE A 30 18.26 8.08 29.04
C PHE A 30 19.69 7.84 28.56
N ALA A 31 19.93 6.70 27.90
CA ALA A 31 21.22 6.41 27.22
C ALA A 31 21.64 7.51 26.26
N ALA A 32 20.70 7.95 25.43
CA ALA A 32 20.96 9.03 24.47
C ALA A 32 21.20 10.36 25.17
N LEU A 33 20.44 10.64 26.23
CA LEU A 33 20.62 11.84 27.04
C LEU A 33 22.05 11.85 27.60
N ILE A 34 22.44 10.75 28.23
CA ILE A 34 23.76 10.65 28.82
C ILE A 34 24.84 10.83 27.75
N ASN A 35 24.72 10.10 26.63
CA ASN A 35 25.73 10.20 25.57
CA ASN A 35 25.68 10.17 25.50
C ASN A 35 25.72 11.59 24.95
N GLY A 36 24.55 12.17 24.76
CA GLY A 36 24.47 13.50 24.19
C GLY A 36 25.11 14.56 25.09
N VAL A 37 24.84 14.49 26.38
CA VAL A 37 25.40 15.45 27.31
C VAL A 37 26.93 15.26 27.46
N SER A 38 27.40 14.01 27.44
CA SER A 38 28.85 13.75 27.49
C SER A 38 29.63 14.33 26.31
N ARG A 39 29.07 14.22 25.11
CA ARG A 39 29.72 14.74 23.89
C ARG A 39 29.64 16.25 23.80
N ASN A 40 28.59 16.82 24.39
CA ASN A 40 28.34 18.25 24.29
C ASN A 40 27.64 18.73 25.55
N PRO A 41 28.39 18.96 26.66
CA PRO A 41 27.72 19.38 27.90
C PRO A 41 26.82 20.60 27.77
N SER A 42 27.16 21.53 26.87
CA SER A 42 26.39 22.77 26.75
C SER A 42 24.97 22.57 26.15
N ILE A 43 24.72 21.41 25.56
CA ILE A 43 23.38 21.14 25.03
C ILE A 43 22.38 20.61 26.09
N LYS A 44 22.85 20.38 27.32
CA LYS A 44 22.03 19.77 28.38
C LYS A 44 20.60 20.34 28.54
N ASP A 45 20.50 21.65 28.69
CA ASP A 45 19.21 22.33 28.91
C ASP A 45 18.26 22.16 27.73
N THR A 46 18.81 22.00 26.54
CA THR A 46 17.99 21.77 25.34
C THR A 46 17.47 20.33 25.27
N VAL A 47 18.29 19.35 25.60
CA VAL A 47 17.91 17.94 25.39
C VAL A 47 17.16 17.31 26.57
N PHE A 48 17.35 17.84 27.77
CA PHE A 48 16.64 17.29 28.94
C PHE A 48 15.11 17.28 28.78
N PRO A 49 14.51 18.42 28.34
CA PRO A 49 13.04 18.36 28.14
C PRO A 49 12.62 17.37 27.06
N MET A 50 13.48 17.18 26.05
CA MET A 50 13.25 16.20 24.98
C MET A 50 13.25 14.79 25.55
N ALA A 51 14.20 14.52 26.45
CA ALA A 51 14.30 13.24 27.14
C ALA A 51 13.10 12.98 28.05
N ILE A 52 12.56 14.05 28.65
CA ILE A 52 11.39 13.93 29.52
C ILE A 52 10.18 13.55 28.67
N LEU A 53 10.01 14.23 27.55
CA LEU A 53 8.92 13.97 26.63
C LEU A 53 9.00 12.53 26.11
N GLY A 54 10.21 12.15 25.70
CA GLY A 54 10.47 10.82 25.12
C GLY A 54 10.14 9.67 26.06
N PHE A 55 10.67 9.72 27.28
CA PHE A 55 10.43 8.60 28.19
C PHE A 55 8.98 8.59 28.67
N ALA A 56 8.34 9.75 28.76
CA ALA A 56 6.94 9.81 29.18
C ALA A 56 6.05 9.11 28.14
N LEU A 57 6.30 9.38 26.86
CA LEU A 57 5.56 8.73 25.79
C LEU A 57 5.84 7.23 25.70
N SER A 58 7.10 6.85 25.94
CA SER A 58 7.49 5.43 25.96
C SER A 58 6.87 4.69 27.14
N GLU A 59 6.93 5.30 28.32
CA GLU A 59 6.35 4.71 29.54
C GLU A 59 4.83 4.51 29.41
N ALA A 60 4.16 5.49 28.77
CA ALA A 60 2.72 5.42 28.56
C ALA A 60 2.27 4.11 27.89
N THR A 61 3.05 3.58 26.94
CA THR A 61 2.71 2.31 26.29
C THR A 61 2.59 1.19 27.31
N GLY A 62 3.42 1.24 28.36
CA GLY A 62 3.42 0.24 29.40
C GLY A 62 2.23 0.38 30.33
N LEU A 63 1.79 1.62 30.54
CA LEU A 63 0.65 1.91 31.38
C LEU A 63 -0.65 1.44 30.73
N PHE A 64 -0.71 1.53 29.40
CA PHE A 64 -1.83 0.96 28.64
C PHE A 64 -1.94 -0.56 28.79
N CYS A 65 -0.80 -1.26 28.81
CA CYS A 65 -0.77 -2.69 29.10
C CYS A 65 -1.32 -2.97 30.50
N LEU A 66 -0.92 -2.12 31.45
CA LEU A 66 -1.27 -2.24 32.84
C LEU A 66 -2.75 -1.89 33.05
N MET A 67 -3.26 -1.00 32.21
CA MET A 67 -4.67 -0.64 32.22
C MET A 67 -5.52 -1.89 31.92
N VAL A 68 -5.14 -2.64 30.90
CA VAL A 68 -5.84 -3.87 30.53
C VAL A 68 -5.67 -4.92 31.64
N SER A 69 -4.45 -5.04 32.16
CA SER A 69 -4.18 -5.94 33.27
C SER A 69 -5.17 -5.74 34.42
N PHE A 70 -5.30 -4.49 34.88
CA PHE A 70 -6.12 -4.18 36.02
C PHE A 70 -7.61 -4.24 35.71
N LEU A 71 -7.97 -4.00 34.45
CA LEU A 71 -9.33 -4.24 33.99
C LEU A 71 -9.71 -5.72 34.11
N LEU A 72 -8.76 -6.60 33.80
CA LEU A 72 -8.99 -8.04 33.83
C LEU A 72 -9.04 -8.57 35.26
N LEU A 73 -8.26 -7.93 36.13
CA LEU A 73 -8.15 -8.33 37.55
C LEU A 73 -9.32 -7.92 38.44
N PHE A 74 -9.93 -6.77 38.16
CA PHE A 74 -10.93 -6.19 39.04
C PHE A 74 -12.29 -6.01 38.37
N GLN B 2 -19.20 -19.50 28.06
CA GLN B 2 -18.10 -19.58 29.06
C GLN B 2 -16.76 -19.66 28.35
N LEU B 3 -16.64 -20.61 27.42
CA LEU B 3 -15.44 -20.78 26.64
C LEU B 3 -15.14 -19.56 25.76
N VAL B 4 -16.17 -18.99 25.16
CA VAL B 4 -16.05 -17.81 24.30
C VAL B 4 -15.63 -16.57 25.10
N LEU B 5 -16.27 -16.36 26.26
CA LEU B 5 -15.92 -15.26 27.15
C LEU B 5 -14.50 -15.37 27.65
N ALA B 6 -14.14 -16.57 28.08
CA ALA B 6 -12.77 -16.88 28.48
C ALA B 6 -11.77 -16.55 27.36
N ALA B 7 -12.14 -16.85 26.12
CA ALA B 7 -11.27 -16.59 24.98
C ALA B 7 -11.09 -15.09 24.69
N LYS B 8 -12.17 -14.32 24.85
CA LYS B 8 -12.12 -12.86 24.73
C LYS B 8 -11.11 -12.25 25.71
N TYR B 9 -11.06 -12.78 26.92
CA TYR B 9 -10.23 -12.19 27.96
C TYR B 9 -8.74 -12.53 27.78
N ILE B 10 -8.47 -13.77 27.43
CA ILE B 10 -7.10 -14.17 27.12
C ILE B 10 -6.62 -13.45 25.87
N GLY B 11 -7.45 -13.42 24.83
CA GLY B 11 -7.18 -12.63 23.64
C GLY B 11 -6.87 -11.14 23.88
N ALA B 12 -7.61 -10.52 24.79
CA ALA B 12 -7.36 -9.11 25.15
C ALA B 12 -5.97 -8.94 25.73
N GLY B 13 -5.59 -9.87 26.61
CA GLY B 13 -4.26 -9.89 27.18
C GLY B 13 -3.20 -10.03 26.11
N ILE B 14 -3.39 -11.01 25.23
CA ILE B 14 -2.43 -11.26 24.16
C ILE B 14 -2.28 -10.04 23.26
N SER B 15 -3.39 -9.33 23.01
CA SER B 15 -3.42 -8.15 22.15
C SER B 15 -2.55 -6.98 22.58
N THR B 16 -2.10 -7.00 23.84
CA THR B 16 -1.29 -5.90 24.34
C THR B 16 0.19 -6.14 24.13
N ILE B 17 0.58 -7.37 23.81
CA ILE B 17 1.99 -7.71 23.61
C ILE B 17 2.61 -6.74 22.61
N GLY B 18 1.92 -6.53 21.48
CA GLY B 18 2.42 -5.69 20.40
C GLY B 18 2.79 -4.25 20.78
N LEU B 19 2.23 -3.76 21.88
CA LEU B 19 2.60 -2.44 22.43
C LEU B 19 4.09 -2.27 22.80
N LEU B 20 4.78 -3.36 23.10
CA LEU B 20 6.23 -3.31 23.36
C LEU B 20 6.97 -2.67 22.17
N GLY B 21 6.38 -2.76 20.97
CA GLY B 21 6.95 -2.19 19.74
C GLY B 21 6.97 -0.67 19.71
N ALA B 22 5.84 -0.06 20.04
CA ALA B 22 5.73 1.38 20.19
C ALA B 22 6.61 1.86 21.35
N GLY B 23 6.57 1.17 22.48
CA GLY B 23 7.47 1.45 23.61
C GLY B 23 8.93 1.62 23.24
N ILE B 24 9.47 0.64 22.50
CA ILE B 24 10.86 0.70 22.06
C ILE B 24 11.02 1.71 20.92
N GLY B 25 10.10 1.67 19.96
CA GLY B 25 10.11 2.58 18.82
C GLY B 25 10.09 4.07 19.15
N ILE B 26 9.09 4.49 19.91
CA ILE B 26 9.02 5.88 20.35
C ILE B 26 10.36 6.29 20.96
N ALA B 27 10.93 5.43 21.79
CA ALA B 27 12.22 5.69 22.42
C ALA B 27 13.34 5.85 21.42
N ILE B 28 13.36 4.97 20.41
CA ILE B 28 14.37 5.03 19.36
C ILE B 28 14.33 6.39 18.65
N VAL B 29 13.14 6.88 18.35
CA VAL B 29 12.96 8.16 17.65
C VAL B 29 13.51 9.31 18.51
N PHE B 30 13.13 9.34 19.78
CA PHE B 30 13.59 10.40 20.67
C PHE B 30 15.09 10.34 20.98
N ALA B 31 15.64 9.12 21.01
CA ALA B 31 17.08 8.91 21.15
C ALA B 31 17.83 9.60 20.02
N ALA B 32 17.36 9.40 18.79
CA ALA B 32 17.96 10.02 17.62
C ALA B 32 17.83 11.55 17.63
N LEU B 33 16.68 12.04 18.08
CA LEU B 33 16.46 13.48 18.22
C LEU B 33 17.49 14.05 19.16
N ILE B 34 17.71 13.36 20.28
CA ILE B 34 18.64 13.83 21.31
C ILE B 34 20.08 13.78 20.79
N ASN B 35 20.45 12.65 20.19
CA ASN B 35 21.80 12.52 19.66
CA ASN B 35 21.78 12.44 19.58
C ASN B 35 22.03 13.50 18.52
N GLY B 36 21.03 13.68 17.65
CA GLY B 36 21.15 14.58 16.51
C GLY B 36 21.35 16.04 16.92
N VAL B 37 20.61 16.48 17.92
CA VAL B 37 20.70 17.86 18.43
C VAL B 37 21.99 18.05 19.25
N SER B 38 22.44 17.01 19.95
CA SER B 38 23.75 17.07 20.61
C SER B 38 24.90 17.33 19.63
N ARG B 39 24.89 16.63 18.51
CA ARG B 39 25.93 16.75 17.46
C ARG B 39 25.81 18.07 16.71
N ASN B 40 24.57 18.53 16.54
CA ASN B 40 24.30 19.74 15.72
C ASN B 40 23.14 20.55 16.28
N PRO B 41 23.41 21.35 17.36
CA PRO B 41 22.34 22.15 18.00
C PRO B 41 21.44 22.91 17.05
N SER B 42 22.00 23.48 15.99
CA SER B 42 21.24 24.36 15.10
C SER B 42 20.20 23.64 14.25
N ILE B 43 20.20 22.31 14.23
CA ILE B 43 19.25 21.53 13.44
C ILE B 43 17.92 21.27 14.21
N LYS B 44 17.87 21.64 15.49
CA LYS B 44 16.71 21.36 16.35
C LYS B 44 15.33 21.62 15.70
N ASP B 45 15.10 22.85 15.24
CA ASP B 45 13.81 23.22 14.67
C ASP B 45 13.47 22.42 13.42
N THR B 46 14.47 21.86 12.74
CA THR B 46 14.21 21.00 11.59
C THR B 46 13.87 19.53 11.99
N VAL B 47 14.56 19.00 12.98
CA VAL B 47 14.36 17.58 13.30
C VAL B 47 13.24 17.32 14.31
N PHE B 48 12.95 18.28 15.19
CA PHE B 48 11.87 18.10 16.17
C PHE B 48 10.53 17.68 15.50
N PRO B 49 10.11 18.38 14.43
CA PRO B 49 8.84 17.92 13.78
C PRO B 49 8.94 16.53 13.15
N MET B 50 10.13 16.17 12.68
CA MET B 50 10.38 14.81 12.18
C MET B 50 10.24 13.77 13.28
N ALA B 51 10.73 14.10 14.48
CA ALA B 51 10.62 13.22 15.64
C ALA B 51 9.16 13.08 16.08
N ILE B 52 8.41 14.17 15.97
CA ILE B 52 6.98 14.13 16.29
C ILE B 52 6.25 13.25 15.30
N LEU B 53 6.52 13.42 14.00
CA LEU B 53 5.90 12.58 12.99
C LEU B 53 6.25 11.10 13.25
N GLY B 54 7.54 10.85 13.50
CA GLY B 54 8.03 9.50 13.77
C GLY B 54 7.36 8.87 14.96
N PHE B 55 7.25 9.65 16.04
CA PHE B 55 6.54 9.22 17.24
C PHE B 55 5.13 8.80 16.87
N ALA B 56 4.42 9.65 16.13
CA ALA B 56 3.01 9.41 15.87
C ALA B 56 2.77 8.13 15.07
N LEU B 57 3.64 7.89 14.09
CA LEU B 57 3.47 6.73 13.22
C LEU B 57 3.82 5.41 13.94
N SER B 58 4.84 5.44 14.81
CA SER B 58 5.19 4.25 15.62
C SER B 58 4.12 3.96 16.69
N GLU B 59 3.66 5.03 17.35
CA GLU B 59 2.54 4.99 18.28
C GLU B 59 1.25 4.37 17.68
N ALA B 60 0.96 4.71 16.44
CA ALA B 60 -0.21 4.15 15.76
C ALA B 60 -0.27 2.62 15.79
N THR B 61 0.88 1.94 15.74
CA THR B 61 0.86 0.48 15.75
C THR B 61 0.38 -0.03 17.11
N GLY B 62 0.72 0.72 18.15
CA GLY B 62 0.26 0.44 19.50
C GLY B 62 -1.24 0.70 19.62
N LEU B 63 -1.69 1.77 18.97
CA LEU B 63 -3.10 2.13 18.96
C LEU B 63 -3.93 0.95 18.41
N PHE B 64 -3.51 0.40 17.27
CA PHE B 64 -4.20 -0.74 16.66
C PHE B 64 -4.29 -1.97 17.58
N CYS B 65 -3.19 -2.28 18.27
CA CYS B 65 -3.15 -3.36 19.25
C CYS B 65 -4.21 -3.15 20.33
N LEU B 66 -4.18 -1.97 20.95
CA LEU B 66 -5.10 -1.63 22.02
C LEU B 66 -6.55 -1.62 21.52
N MET B 67 -6.76 -1.19 20.28
CA MET B 67 -8.08 -1.22 19.65
C MET B 67 -8.64 -2.63 19.59
N VAL B 68 -7.81 -3.60 19.20
CA VAL B 68 -8.24 -5.00 19.15
C VAL B 68 -8.50 -5.53 20.57
N SER B 69 -7.65 -5.09 21.50
CA SER B 69 -7.78 -5.47 22.90
C SER B 69 -9.13 -5.02 23.46
N PHE B 70 -9.51 -3.78 23.15
CA PHE B 70 -10.77 -3.20 23.61
C PHE B 70 -11.98 -3.76 22.87
N LEU B 71 -11.81 -4.13 21.60
CA LEU B 71 -12.87 -4.82 20.85
C LEU B 71 -13.13 -6.22 21.45
N LEU B 72 -12.08 -6.88 21.90
CA LEU B 72 -12.23 -8.17 22.57
C LEU B 72 -12.83 -8.01 23.96
N LEU B 73 -12.37 -7.00 24.71
CA LEU B 73 -12.91 -6.72 26.04
C LEU B 73 -14.37 -6.30 26.01
N PHE B 74 -14.74 -5.38 25.12
CA PHE B 74 -16.07 -4.76 25.15
C PHE B 74 -16.95 -4.93 23.90
N GLY B 75 -16.34 -4.96 22.72
CA GLY B 75 -17.06 -4.82 21.45
C GLY B 75 -17.82 -6.04 20.96
N GLN C 2 -19.19 -22.69 19.91
CA GLN C 2 -18.35 -22.34 21.10
C GLN C 2 -16.87 -22.36 20.75
N LEU C 3 -16.35 -23.56 20.46
CA LEU C 3 -14.92 -23.78 20.24
C LEU C 3 -14.36 -22.99 19.06
N VAL C 4 -15.15 -22.87 17.98
CA VAL C 4 -14.74 -22.12 16.79
C VAL C 4 -14.67 -20.62 17.05
N LEU C 5 -15.71 -20.06 17.66
CA LEU C 5 -15.75 -18.63 18.02
C LEU C 5 -14.60 -18.26 18.94
N ALA C 6 -14.37 -19.11 19.94
CA ALA C 6 -13.29 -18.90 20.91
C ALA C 6 -11.91 -18.87 20.26
N ALA C 7 -11.71 -19.79 19.31
CA ALA C 7 -10.48 -19.86 18.56
C ALA C 7 -10.27 -18.62 17.70
N LYS C 8 -11.36 -18.11 17.11
CA LYS C 8 -11.30 -16.92 16.27
C LYS C 8 -10.81 -15.73 17.08
N TYR C 9 -11.22 -15.67 18.34
CA TYR C 9 -10.90 -14.54 19.22
C TYR C 9 -9.51 -14.64 19.81
N ILE C 10 -9.06 -15.86 20.11
CA ILE C 10 -7.69 -16.08 20.57
C ILE C 10 -6.76 -15.75 19.38
N GLY C 11 -7.08 -16.27 18.20
CA GLY C 11 -6.32 -15.96 16.98
C GLY C 11 -6.15 -14.48 16.67
N ALA C 12 -7.24 -13.72 16.82
CA ALA C 12 -7.25 -12.27 16.58
C ALA C 12 -6.28 -11.50 17.49
N GLY C 13 -6.25 -11.86 18.77
CA GLY C 13 -5.30 -11.28 19.71
C GLY C 13 -3.87 -11.64 19.32
N ILE C 14 -3.65 -12.91 18.98
CA ILE C 14 -2.32 -13.38 18.55
C ILE C 14 -1.85 -12.64 17.29
N SER C 15 -2.78 -12.35 16.38
CA SER C 15 -2.51 -11.65 15.11
C SER C 15 -1.95 -10.25 15.25
N THR C 16 -2.10 -9.64 16.42
CA THR C 16 -1.58 -8.29 16.63
C THR C 16 -0.12 -8.28 17.07
N ILE C 17 0.46 -9.44 17.34
CA ILE C 17 1.85 -9.52 17.85
C ILE C 17 2.84 -9.00 16.83
N GLY C 18 2.62 -9.37 15.56
CA GLY C 18 3.50 -8.94 14.48
C GLY C 18 3.60 -7.43 14.29
N LEU C 19 2.60 -6.71 14.80
CA LEU C 19 2.60 -5.25 14.72
C LEU C 19 3.79 -4.61 15.43
N LEU C 20 4.42 -5.35 16.35
CA LEU C 20 5.56 -4.85 17.10
C LEU C 20 6.71 -4.56 16.13
N GLY C 21 6.68 -5.27 14.99
CA GLY C 21 7.69 -5.13 13.95
C GLY C 21 7.64 -3.77 13.31
N ALA C 22 6.45 -3.33 12.94
CA ALA C 22 6.23 -2.01 12.34
C ALA C 22 6.48 -0.91 13.38
N GLY C 23 6.07 -1.14 14.62
CA GLY C 23 6.33 -0.18 15.69
C GLY C 23 7.81 0.13 15.82
N ILE C 24 8.64 -0.91 15.79
CA ILE C 24 10.09 -0.77 15.91
C ILE C 24 10.66 -0.26 14.58
N GLY C 25 10.19 -0.87 13.49
CA GLY C 25 10.65 -0.52 12.15
C GLY C 25 10.41 0.92 11.73
N ILE C 26 9.20 1.42 11.94
CA ILE C 26 8.90 2.82 11.59
C ILE C 26 9.90 3.74 12.31
N ALA C 27 10.16 3.43 13.57
CA ALA C 27 11.08 4.21 14.39
C ALA C 27 12.54 4.18 13.93
N ILE C 28 13.03 2.99 13.56
CA ILE C 28 14.36 2.83 12.98
C ILE C 28 14.58 3.76 11.77
N VAL C 29 13.55 3.88 10.93
CA VAL C 29 13.59 4.73 9.75
C VAL C 29 13.65 6.22 10.10
N PHE C 30 12.76 6.67 11.00
CA PHE C 30 12.77 8.05 11.40
C PHE C 30 14.05 8.42 12.15
N ALA C 31 14.60 7.47 12.94
CA ALA C 31 15.90 7.69 13.59
C ALA C 31 17.02 8.00 12.59
N ALA C 32 17.06 7.23 11.50
CA ALA C 32 18.06 7.41 10.46
C ALA C 32 17.84 8.72 9.73
N LEU C 33 16.56 9.03 9.45
CA LEU C 33 16.18 10.34 8.94
C LEU C 33 16.72 11.46 9.81
N ILE C 34 16.53 11.35 11.12
CA ILE C 34 16.96 12.41 12.03
C ILE C 34 18.51 12.53 12.11
N ASN C 35 19.18 11.39 12.25
CA ASN C 35 20.64 11.42 12.31
CA ASN C 35 20.65 11.34 12.29
C ASN C 35 21.27 11.86 10.99
N GLY C 36 20.69 11.45 9.87
CA GLY C 36 21.21 11.84 8.56
C GLY C 36 21.07 13.34 8.30
N VAL C 37 19.95 13.93 8.71
CA VAL C 37 19.73 15.36 8.56
C VAL C 37 20.60 16.17 9.54
N SER C 38 20.83 15.62 10.73
CA SER C 38 21.72 16.27 11.69
C SER C 38 23.17 16.35 11.16
N ARG C 39 23.63 15.28 10.52
CA ARG C 39 25.01 15.22 10.00
C ARG C 39 25.14 16.07 8.75
N ASN C 40 24.08 16.09 7.94
CA ASN C 40 24.13 16.74 6.63
C ASN C 40 22.79 17.41 6.30
N PRO C 41 22.53 18.60 6.91
CA PRO C 41 21.25 19.27 6.73
C PRO C 41 20.83 19.46 5.28
N SER C 42 21.78 19.67 4.39
CA SER C 42 21.44 19.91 2.97
C SER C 42 20.86 18.69 2.26
N ILE C 43 20.94 17.50 2.87
CA ILE C 43 20.44 16.29 2.18
C ILE C 43 18.96 16.01 2.48
N LYS C 44 18.37 16.87 3.31
CA LYS C 44 17.01 16.71 3.82
C LYS C 44 15.94 16.36 2.78
N ASP C 45 15.91 17.11 1.67
CA ASP C 45 14.91 16.92 0.61
C ASP C 45 15.12 15.62 -0.16
N THR C 46 16.35 15.10 -0.19
CA THR C 46 16.61 13.80 -0.81
C THR C 46 16.15 12.63 0.09
N VAL C 47 16.41 12.69 1.40
CA VAL C 47 16.18 11.53 2.29
C VAL C 47 14.77 11.43 2.89
N PHE C 48 14.07 12.56 2.98
CA PHE C 48 12.73 12.58 3.56
C PHE C 48 11.75 11.72 2.74
N PRO C 49 11.78 11.83 1.39
CA PRO C 49 10.97 10.88 0.62
C PRO C 49 11.39 9.41 0.79
N MET C 50 12.68 9.16 1.05
CA MET C 50 13.16 7.81 1.39
C MET C 50 12.64 7.27 2.73
N ALA C 51 12.46 8.15 3.70
CA ALA C 51 11.91 7.79 5.01
C ALA C 51 10.40 7.53 4.93
N ILE C 52 9.69 8.34 4.15
CA ILE C 52 8.25 8.11 3.93
C ILE C 52 8.02 6.74 3.27
N LEU C 53 8.83 6.43 2.26
CA LEU C 53 8.74 5.14 1.58
C LEU C 53 9.05 4.00 2.55
N GLY C 54 10.17 4.13 3.28
CA GLY C 54 10.57 3.11 4.26
C GLY C 54 9.48 2.85 5.28
N PHE C 55 8.97 3.93 5.86
CA PHE C 55 7.90 3.83 6.84
C PHE C 55 6.69 3.10 6.24
N ALA C 56 6.30 3.43 5.00
CA ALA C 56 5.07 2.90 4.44
C ALA C 56 5.16 1.40 4.19
N LEU C 57 6.32 0.97 3.71
CA LEU C 57 6.61 -0.43 3.45
C LEU C 57 6.66 -1.23 4.76
N SER C 58 7.29 -0.66 5.78
CA SER C 58 7.39 -1.33 7.09
C SER C 58 6.02 -1.45 7.75
N GLU C 59 5.25 -0.36 7.67
CA GLU C 59 3.88 -0.28 8.17
C GLU C 59 2.97 -1.28 7.44
N ALA C 60 3.21 -1.50 6.15
CA ALA C 60 2.44 -2.50 5.38
C ALA C 60 2.44 -3.91 6.02
N THR C 61 3.55 -4.29 6.66
CA THR C 61 3.64 -5.59 7.35
C THR C 61 2.71 -5.66 8.57
N GLY C 62 2.54 -4.52 9.26
CA GLY C 62 1.63 -4.44 10.38
C GLY C 62 0.19 -4.52 9.91
N LEU C 63 -0.11 -3.82 8.81
CA LEU C 63 -1.39 -3.87 8.14
C LEU C 63 -1.81 -5.32 7.86
N PHE C 64 -0.89 -6.11 7.31
CA PHE C 64 -1.20 -7.51 7.00
C PHE C 64 -1.59 -8.32 8.24
N CYS C 65 -0.93 -8.03 9.37
CA CYS C 65 -1.28 -8.64 10.65
C CYS C 65 -2.68 -8.24 11.10
N LEU C 66 -2.95 -6.94 11.02
CA LEU C 66 -4.25 -6.38 11.38
C LEU C 66 -5.39 -6.88 10.47
N MET C 67 -5.09 -7.13 9.20
CA MET C 67 -6.05 -7.70 8.25
C MET C 67 -6.48 -9.09 8.72
N VAL C 68 -5.51 -9.91 9.14
CA VAL C 68 -5.80 -11.24 9.66
C VAL C 68 -6.60 -11.12 10.95
N SER C 69 -6.19 -10.19 11.79
CA SER C 69 -6.90 -9.90 13.01
C SER C 69 -8.39 -9.61 12.74
N PHE C 70 -8.66 -8.77 11.74
CA PHE C 70 -10.02 -8.37 11.42
C PHE C 70 -10.82 -9.48 10.73
N LEU C 71 -10.16 -10.26 9.89
CA LEU C 71 -10.77 -11.43 9.25
C LEU C 71 -11.24 -12.44 10.29
N LEU C 72 -10.43 -12.63 11.32
CA LEU C 72 -10.78 -13.55 12.40
C LEU C 72 -11.95 -13.02 13.22
N LEU C 73 -11.88 -11.74 13.60
CA LEU C 73 -12.92 -11.10 14.39
C LEU C 73 -14.28 -10.97 13.69
N PHE C 74 -14.26 -10.80 12.37
CA PHE C 74 -15.48 -10.43 11.66
C PHE C 74 -15.79 -11.34 10.48
N GLY C 75 -14.79 -11.59 9.64
CA GLY C 75 -14.97 -12.38 8.41
C GLY C 75 -15.14 -13.86 8.68
N GLN D 2 -14.99 -29.22 14.40
CA GLN D 2 -14.90 -28.00 15.24
C GLN D 2 -13.46 -27.79 15.71
N LEU D 3 -12.88 -28.82 16.31
CA LEU D 3 -11.53 -28.80 16.83
C LEU D 3 -10.50 -28.47 15.73
N VAL D 4 -10.67 -29.06 14.56
CA VAL D 4 -9.77 -28.81 13.43
C VAL D 4 -9.92 -27.37 12.92
N LEU D 5 -11.17 -26.91 12.84
CA LEU D 5 -11.46 -25.56 12.37
C LEU D 5 -10.88 -24.54 13.36
N ALA D 6 -11.04 -24.84 14.66
CA ALA D 6 -10.46 -24.05 15.73
C ALA D 6 -8.94 -23.98 15.60
N ALA D 7 -8.32 -25.11 15.30
CA ALA D 7 -6.88 -25.20 15.12
C ALA D 7 -6.41 -24.41 13.91
N LYS D 8 -7.25 -24.33 12.87
CA LYS D 8 -6.95 -23.56 11.68
C LYS D 8 -6.90 -22.06 12.00
N TYR D 9 -7.84 -21.59 12.82
CA TYR D 9 -7.92 -20.16 13.13
C TYR D 9 -6.86 -19.69 14.12
N ILE D 10 -6.54 -20.54 15.12
CA ILE D 10 -5.41 -20.29 16.02
C ILE D 10 -4.14 -20.22 15.20
N GLY D 11 -3.90 -21.25 14.37
CA GLY D 11 -2.70 -21.33 13.54
C GLY D 11 -2.52 -20.13 12.62
N ALA D 12 -3.61 -19.63 12.05
CA ALA D 12 -3.57 -18.49 11.14
C ALA D 12 -3.06 -17.23 11.83
N GLY D 13 -3.50 -17.03 13.07
CA GLY D 13 -3.03 -15.95 13.92
C GLY D 13 -1.55 -16.07 14.22
N ILE D 14 -1.13 -17.27 14.61
CA ILE D 14 0.27 -17.58 14.95
C ILE D 14 1.18 -17.35 13.74
N SER D 15 0.65 -17.70 12.56
CA SER D 15 1.34 -17.50 11.28
C SER D 15 1.69 -16.07 10.96
N THR D 16 1.06 -15.10 11.63
CA THR D 16 1.42 -13.69 11.35
C THR D 16 2.58 -13.17 12.20
N ILE D 17 2.94 -13.87 13.28
CA ILE D 17 4.03 -13.42 14.16
C ILE D 17 5.29 -13.11 13.33
N GLY D 18 5.65 -14.03 12.44
CA GLY D 18 6.87 -13.91 11.61
C GLY D 18 7.00 -12.64 10.80
N LEU D 19 5.87 -11.96 10.54
CA LEU D 19 5.85 -10.66 9.87
C LEU D 19 6.62 -9.54 10.60
N LEU D 20 6.82 -9.70 11.90
CA LEU D 20 7.59 -8.70 12.66
C LEU D 20 9.01 -8.59 12.08
N GLY D 21 9.50 -9.69 11.50
CA GLY D 21 10.84 -9.75 10.91
C GLY D 21 11.04 -8.86 9.70
N ALA D 22 10.06 -8.88 8.80
CA ALA D 22 10.02 -8.01 7.63
C ALA D 22 9.76 -6.57 8.06
N GLY D 23 8.95 -6.37 9.09
CA GLY D 23 8.72 -5.02 9.57
C GLY D 23 10.01 -4.34 10.01
N ILE D 24 10.75 -5.01 10.89
CA ILE D 24 12.06 -4.56 11.35
C ILE D 24 13.07 -4.56 10.20
N GLY D 25 13.08 -5.63 9.41
CA GLY D 25 14.02 -5.77 8.33
C GLY D 25 13.94 -4.72 7.23
N ILE D 26 12.73 -4.48 6.71
CA ILE D 26 12.53 -3.44 5.71
C ILE D 26 13.06 -2.10 6.20
N ALA D 27 12.86 -1.83 7.49
CA ALA D 27 13.34 -0.61 8.11
C ALA D 27 14.87 -0.55 8.20
N ILE D 28 15.49 -1.68 8.53
CA ILE D 28 16.95 -1.75 8.65
C ILE D 28 17.58 -1.33 7.30
N VAL D 29 16.98 -1.78 6.20
CA VAL D 29 17.46 -1.48 4.85
C VAL D 29 17.34 0.01 4.51
N PHE D 30 16.18 0.59 4.80
CA PHE D 30 15.94 1.99 4.49
C PHE D 30 16.74 2.92 5.38
N ALA D 31 16.99 2.48 6.62
CA ALA D 31 17.87 3.20 7.54
C ALA D 31 19.28 3.30 6.97
N ALA D 32 19.80 2.19 6.44
CA ALA D 32 21.10 2.18 5.80
C ALA D 32 21.15 3.07 4.56
N LEU D 33 20.10 2.98 3.73
CA LEU D 33 19.95 3.86 2.56
C LEU D 33 20.06 5.34 2.94
N ILE D 34 19.32 5.72 3.98
CA ILE D 34 19.29 7.11 4.44
C ILE D 34 20.66 7.52 4.98
N ASN D 35 21.25 6.68 5.83
CA ASN D 35 22.58 7.00 6.38
CA ASN D 35 22.60 6.93 6.39
C ASN D 35 23.64 7.03 5.29
N GLY D 36 23.60 6.07 4.35
CA GLY D 36 24.54 6.06 3.25
C GLY D 36 24.45 7.27 2.34
N VAL D 37 23.23 7.72 2.04
CA VAL D 37 23.04 8.92 1.21
C VAL D 37 23.44 10.21 1.96
N SER D 38 23.08 10.32 3.24
CA SER D 38 23.58 11.46 4.06
C SER D 38 25.11 11.60 4.06
N ARG D 39 25.81 10.49 4.22
CA ARG D 39 27.28 10.52 4.31
C ARG D 39 27.91 10.78 2.95
N ASN D 40 27.22 10.32 1.90
CA ASN D 40 27.77 10.34 0.53
C ASN D 40 26.66 10.50 -0.53
N PRO D 41 26.11 11.73 -0.69
CA PRO D 41 25.02 11.97 -1.65
C PRO D 41 25.23 11.41 -3.06
N SER D 42 26.45 11.52 -3.59
CA SER D 42 26.74 11.05 -4.94
C SER D 42 26.54 9.53 -5.18
N ILE D 43 26.43 8.75 -4.09
CA ILE D 43 26.22 7.30 -4.20
C ILE D 43 24.76 6.85 -4.39
N LYS D 44 23.82 7.79 -4.27
CA LYS D 44 22.38 7.50 -4.30
C LYS D 44 21.88 6.54 -5.41
N ASP D 45 22.14 6.89 -6.67
CA ASP D 45 21.74 6.07 -7.81
C ASP D 45 22.28 4.63 -7.77
N THR D 46 23.43 4.43 -7.13
CA THR D 46 24.04 3.10 -6.98
C THR D 46 23.36 2.30 -5.87
N VAL D 47 23.08 2.92 -4.73
CA VAL D 47 22.56 2.16 -3.59
C VAL D 47 21.04 2.04 -3.56
N PHE D 48 20.35 2.96 -4.22
CA PHE D 48 18.89 2.91 -4.19
C PHE D 48 18.32 1.58 -4.75
N PRO D 49 18.85 1.08 -5.89
CA PRO D 49 18.41 -0.25 -6.38
C PRO D 49 18.79 -1.39 -5.43
N MET D 50 19.90 -1.25 -4.72
CA MET D 50 20.31 -2.22 -3.70
C MET D 50 19.34 -2.27 -2.52
N ALA D 51 18.76 -1.11 -2.18
CA ALA D 51 17.79 -1.02 -1.12
C ALA D 51 16.46 -1.65 -1.56
N ILE D 52 16.11 -1.46 -2.82
CA ILE D 52 14.90 -2.04 -3.38
C ILE D 52 14.99 -3.57 -3.38
N LEU D 53 16.13 -4.09 -3.80
CA LEU D 53 16.39 -5.52 -3.79
C LEU D 53 16.32 -6.06 -2.36
N GLY D 54 17.00 -5.38 -1.42
CA GLY D 54 17.04 -5.79 -0.02
C GLY D 54 15.67 -5.75 0.64
N PHE D 55 14.95 -4.64 0.50
CA PHE D 55 13.57 -4.56 0.99
C PHE D 55 12.71 -5.71 0.45
N ALA D 56 12.81 -5.99 -0.85
CA ALA D 56 11.91 -6.96 -1.47
C ALA D 56 12.19 -8.38 -0.96
N LEU D 57 13.45 -8.72 -0.80
CA LEU D 57 13.82 -10.03 -0.28
C LEU D 57 13.41 -10.21 1.20
N SER D 58 13.59 -9.17 2.00
CA SER D 58 13.13 -9.18 3.41
C SER D 58 11.61 -9.33 3.53
N GLU D 59 10.87 -8.49 2.80
CA GLU D 59 9.41 -8.55 2.76
C GLU D 59 8.86 -9.93 2.38
N ALA D 60 9.48 -10.54 1.37
CA ALA D 60 9.04 -11.86 0.90
C ALA D 60 8.93 -12.90 2.03
N THR D 61 9.88 -12.89 2.97
CA THR D 61 9.86 -13.79 4.13
C THR D 61 8.55 -13.64 4.91
N GLY D 62 8.11 -12.39 5.09
CA GLY D 62 6.83 -12.10 5.71
C GLY D 62 5.63 -12.46 4.84
N LEU D 63 5.80 -12.41 3.52
CA LEU D 63 4.72 -12.84 2.61
C LEU D 63 4.52 -14.35 2.62
N PHE D 64 5.61 -15.10 2.84
CA PHE D 64 5.51 -16.55 3.04
C PHE D 64 4.75 -16.91 4.33
N CYS D 65 4.87 -16.07 5.36
CA CYS D 65 4.07 -16.19 6.59
C CYS D 65 2.57 -15.97 6.33
N LEU D 66 2.28 -14.85 5.66
CA LEU D 66 0.94 -14.50 5.24
C LEU D 66 0.32 -15.60 4.36
N MET D 67 1.10 -16.12 3.41
CA MET D 67 0.68 -17.25 2.57
C MET D 67 0.16 -18.42 3.43
N VAL D 68 0.92 -18.80 4.44
CA VAL D 68 0.55 -19.90 5.32
C VAL D 68 -0.69 -19.55 6.12
N SER D 69 -0.76 -18.30 6.57
CA SER D 69 -1.92 -17.80 7.30
C SER D 69 -3.20 -17.93 6.46
N PHE D 70 -3.11 -17.55 5.17
CA PHE D 70 -4.27 -17.62 4.27
C PHE D 70 -4.66 -19.06 3.94
N LEU D 71 -3.67 -19.93 3.78
CA LEU D 71 -3.93 -21.34 3.53
C LEU D 71 -4.75 -21.96 4.65
N LEU D 72 -4.45 -21.55 5.89
CA LEU D 72 -5.13 -22.03 7.07
C LEU D 72 -6.52 -21.43 7.19
N LEU D 73 -6.63 -20.14 6.87
CA LEU D 73 -7.89 -19.39 6.97
C LEU D 73 -8.95 -19.87 5.98
N PHE D 74 -8.51 -20.27 4.78
CA PHE D 74 -9.44 -20.51 3.68
C PHE D 74 -9.42 -21.93 3.12
N GLN E 2 -9.18 -36.01 14.66
CA GLN E 2 -9.43 -34.55 14.86
C GLN E 2 -8.27 -33.88 15.61
N LEU E 3 -7.75 -34.59 16.62
CA LEU E 3 -6.64 -34.11 17.44
C LEU E 3 -5.33 -34.01 16.64
N VAL E 4 -5.07 -35.04 15.82
CA VAL E 4 -3.86 -35.11 15.00
C VAL E 4 -3.84 -34.02 13.92
N LEU E 5 -4.94 -33.90 13.17
CA LEU E 5 -5.07 -32.88 12.13
C LEU E 5 -5.00 -31.48 12.71
N ALA E 6 -5.66 -31.30 13.85
CA ALA E 6 -5.54 -30.08 14.63
C ALA E 6 -4.07 -29.75 14.90
N ALA E 7 -3.32 -30.74 15.33
CA ALA E 7 -1.91 -30.54 15.69
C ALA E 7 -1.05 -30.14 14.48
N LYS E 8 -1.38 -30.70 13.32
CA LYS E 8 -0.70 -30.37 12.07
C LYS E 8 -0.89 -28.90 11.71
N TYR E 9 -2.10 -28.39 11.90
CA TYR E 9 -2.40 -27.02 11.52
C TYR E 9 -1.77 -25.99 12.45
N ILE E 10 -1.95 -26.16 13.75
CA ILE E 10 -1.29 -25.31 14.75
C ILE E 10 0.22 -25.35 14.55
N GLY E 11 0.79 -26.57 14.46
CA GLY E 11 2.21 -26.77 14.19
C GLY E 11 2.70 -26.10 12.91
N ALA E 12 1.85 -26.08 11.88
CA ALA E 12 2.19 -25.35 10.64
C ALA E 12 2.30 -23.85 10.89
N GLY E 13 1.41 -23.30 11.71
CA GLY E 13 1.45 -21.87 12.07
C GLY E 13 2.70 -21.53 12.85
N ILE E 14 3.06 -22.39 13.79
CA ILE E 14 4.23 -22.17 14.65
C ILE E 14 5.53 -22.19 13.82
N SER E 15 5.60 -23.10 12.85
CA SER E 15 6.79 -23.28 12.00
C SER E 15 7.18 -22.06 11.20
N THR E 16 6.25 -21.15 10.95
CA THR E 16 6.58 -19.92 10.23
C THR E 16 7.29 -18.87 11.09
N ILE E 17 7.30 -19.05 12.40
CA ILE E 17 7.83 -18.03 13.30
C ILE E 17 9.30 -17.76 12.99
N GLY E 18 10.06 -18.84 12.78
CA GLY E 18 11.51 -18.75 12.51
C GLY E 18 11.85 -17.91 11.28
N LEU E 19 10.90 -17.74 10.38
CA LEU E 19 11.09 -16.86 9.21
C LEU E 19 11.49 -15.43 9.55
N LEU E 20 11.12 -14.96 10.75
CA LEU E 20 11.48 -13.60 11.17
C LEU E 20 12.99 -13.39 11.18
N GLY E 21 13.75 -14.45 11.51
CA GLY E 21 15.21 -14.41 11.48
C GLY E 21 15.74 -14.13 10.07
N ALA E 22 15.14 -14.75 9.07
CA ALA E 22 15.53 -14.51 7.69
C ALA E 22 15.17 -13.08 7.29
N GLY E 23 13.97 -12.64 7.69
CA GLY E 23 13.54 -11.26 7.47
C GLY E 23 14.50 -10.22 7.99
N ILE E 24 14.95 -10.39 9.24
CA ILE E 24 15.92 -9.48 9.84
C ILE E 24 17.35 -9.67 9.26
N GLY E 25 17.78 -10.92 9.17
CA GLY E 25 19.09 -11.26 8.60
C GLY E 25 19.35 -10.70 7.21
N ILE E 26 18.46 -11.00 6.27
CA ILE E 26 18.58 -10.50 4.90
C ILE E 26 18.77 -8.99 4.96
N ALA E 27 17.98 -8.31 5.77
CA ALA E 27 18.09 -6.86 5.92
C ALA E 27 19.45 -6.42 6.46
N ILE E 28 19.92 -7.08 7.53
CA ILE E 28 21.25 -6.83 8.07
C ILE E 28 22.33 -6.89 6.98
N VAL E 29 22.22 -7.85 6.06
CA VAL E 29 23.22 -8.03 4.99
C VAL E 29 23.20 -6.87 3.97
N PHE E 30 22.01 -6.56 3.45
CA PHE E 30 21.86 -5.46 2.53
C PHE E 30 22.18 -4.11 3.16
N ALA E 31 21.89 -3.94 4.46
CA ALA E 31 22.28 -2.72 5.18
C ALA E 31 23.78 -2.53 5.12
N ALA E 32 24.51 -3.60 5.36
CA ALA E 32 25.96 -3.52 5.40
C ALA E 32 26.49 -3.27 3.98
N LEU E 33 25.92 -3.96 2.99
CA LEU E 33 26.26 -3.69 1.60
C LEU E 33 26.12 -2.21 1.27
N ILE E 34 24.99 -1.62 1.65
CA ILE E 34 24.73 -0.21 1.37
C ILE E 34 25.74 0.67 2.11
N ASN E 35 25.96 0.40 3.40
CA ASN E 35 26.90 1.22 4.18
CA ASN E 35 26.91 1.17 4.23
C ASN E 35 28.32 1.11 3.65
N GLY E 36 28.70 -0.11 3.25
CA GLY E 36 30.03 -0.35 2.74
C GLY E 36 30.27 0.32 1.40
N VAL E 37 29.32 0.24 0.48
CA VAL E 37 29.44 0.95 -0.80
C VAL E 37 29.39 2.49 -0.63
N SER E 38 28.62 2.99 0.33
CA SER E 38 28.62 4.43 0.60
C SER E 38 29.97 4.95 1.07
N ARG E 39 30.63 4.19 1.93
CA ARG E 39 31.91 4.62 2.50
C ARG E 39 33.03 4.44 1.47
N ASN E 40 32.85 3.48 0.57
CA ASN E 40 33.91 3.08 -0.37
C ASN E 40 33.32 2.57 -1.68
N PRO E 41 32.88 3.48 -2.58
CA PRO E 41 32.25 3.06 -3.83
C PRO E 41 33.02 2.04 -4.66
N SER E 42 34.34 2.18 -4.72
CA SER E 42 35.17 1.28 -5.53
C SER E 42 35.16 -0.19 -5.02
N ILE E 43 34.61 -0.45 -3.84
CA ILE E 43 34.57 -1.82 -3.32
C ILE E 43 33.32 -2.61 -3.76
N LYS E 44 32.39 -1.94 -4.45
CA LYS E 44 31.12 -2.51 -4.84
C LYS E 44 31.16 -3.91 -5.49
N ASP E 45 31.97 -4.08 -6.53
CA ASP E 45 32.08 -5.37 -7.24
C ASP E 45 32.64 -6.49 -6.34
N THR E 46 33.39 -6.14 -5.30
CA THR E 46 33.91 -7.15 -4.37
C THR E 46 32.88 -7.54 -3.29
N VAL E 47 32.12 -6.58 -2.77
CA VAL E 47 31.21 -6.90 -1.65
C VAL E 47 29.82 -7.36 -2.10
N PHE E 48 29.42 -7.00 -3.32
CA PHE E 48 28.09 -7.37 -3.81
C PHE E 48 27.88 -8.90 -3.86
N PRO E 49 28.85 -9.67 -4.45
CA PRO E 49 28.73 -11.13 -4.38
C PRO E 49 28.72 -11.68 -2.95
N MET E 50 29.47 -11.06 -2.04
CA MET E 50 29.43 -11.43 -0.60
C MET E 50 28.03 -11.23 -0.01
N ALA E 51 27.33 -10.20 -0.48
CA ALA E 51 26.00 -9.87 0.01
C ALA E 51 24.96 -10.87 -0.50
N ILE E 52 25.07 -11.23 -1.77
CA ILE E 52 24.26 -12.27 -2.36
C ILE E 52 24.41 -13.58 -1.58
N LEU E 53 25.66 -13.97 -1.32
CA LEU E 53 25.97 -15.17 -0.52
C LEU E 53 25.35 -15.14 0.90
N GLY E 54 25.58 -14.04 1.63
CA GLY E 54 24.99 -13.85 2.95
C GLY E 54 23.46 -13.92 2.92
N PHE E 55 22.86 -13.24 1.94
CA PHE E 55 21.40 -13.33 1.74
C PHE E 55 20.92 -14.78 1.56
N ALA E 56 21.63 -15.53 0.73
CA ALA E 56 21.24 -16.90 0.39
C ALA E 56 21.29 -17.83 1.61
N LEU E 57 22.37 -17.73 2.37
CA LEU E 57 22.57 -18.55 3.57
C LEU E 57 21.57 -18.20 4.67
N SER E 58 21.34 -16.91 4.90
CA SER E 58 20.33 -16.45 5.85
C SER E 58 18.91 -16.88 5.41
N GLU E 59 18.60 -16.66 4.14
CA GLU E 59 17.35 -17.15 3.49
C GLU E 59 17.14 -18.68 3.63
N ALA E 60 18.18 -19.47 3.40
CA ALA E 60 18.10 -20.91 3.61
C ALA E 60 17.41 -21.28 4.93
N THR E 61 17.73 -20.57 6.02
CA THR E 61 17.12 -20.87 7.31
C THR E 61 15.61 -20.66 7.31
N GLY E 62 15.16 -19.65 6.55
CA GLY E 62 13.74 -19.44 6.32
C GLY E 62 13.14 -20.57 5.52
N LEU E 63 13.86 -21.03 4.49
CA LEU E 63 13.45 -22.16 3.64
C LEU E 63 13.16 -23.41 4.49
N PHE E 64 14.09 -23.76 5.38
CA PHE E 64 13.89 -24.90 6.28
C PHE E 64 12.64 -24.81 7.16
N CYS E 65 12.34 -23.61 7.69
CA CYS E 65 11.10 -23.37 8.41
C CYS E 65 9.86 -23.63 7.55
N LEU E 66 9.83 -23.04 6.37
CA LEU E 66 8.72 -23.21 5.45
C LEU E 66 8.57 -24.69 5.04
N MET E 67 9.69 -25.38 4.89
CA MET E 67 9.76 -26.81 4.60
C MET E 67 9.03 -27.67 5.65
N VAL E 68 9.33 -27.43 6.93
CA VAL E 68 8.66 -28.13 8.02
C VAL E 68 7.17 -27.76 8.02
N SER E 69 6.89 -26.48 7.76
CA SER E 69 5.53 -25.95 7.69
C SER E 69 4.69 -26.62 6.60
N PHE E 70 5.30 -26.81 5.43
CA PHE E 70 4.61 -27.45 4.31
C PHE E 70 4.46 -28.94 4.55
N LEU E 71 5.46 -29.57 5.16
CA LEU E 71 5.37 -31.00 5.51
C LEU E 71 4.20 -31.28 6.46
N LEU E 72 3.94 -30.36 7.39
CA LEU E 72 2.82 -30.50 8.32
C LEU E 72 1.48 -30.22 7.66
N LEU E 73 1.46 -29.26 6.73
CA LEU E 73 0.23 -28.90 6.04
C LEU E 73 -0.22 -29.97 5.03
N PHE E 74 0.70 -30.77 4.50
CA PHE E 74 0.39 -31.70 3.42
C PHE E 74 0.99 -33.10 3.63
N GLN F 2 -30.49 -24.76 -20.50
CA GLN F 2 -30.75 -23.67 -21.48
C GLN F 2 -30.26 -22.34 -20.91
N LEU F 3 -30.44 -22.17 -19.60
CA LEU F 3 -30.06 -20.95 -18.90
C LEU F 3 -28.52 -20.78 -18.90
N VAL F 4 -27.81 -21.88 -18.69
CA VAL F 4 -26.35 -21.90 -18.68
C VAL F 4 -25.77 -21.57 -20.06
N LEU F 5 -26.40 -22.10 -21.11
CA LEU F 5 -26.02 -21.79 -22.48
C LEU F 5 -26.22 -20.30 -22.77
N ALA F 6 -27.40 -19.80 -22.41
CA ALA F 6 -27.76 -18.39 -22.60
C ALA F 6 -26.74 -17.45 -21.98
N ALA F 7 -26.31 -17.80 -20.77
CA ALA F 7 -25.36 -16.97 -20.02
C ALA F 7 -23.99 -16.97 -20.68
N LYS F 8 -23.55 -18.14 -21.15
CA LYS F 8 -22.29 -18.28 -21.86
C LYS F 8 -22.23 -17.33 -23.06
N TYR F 9 -23.33 -17.26 -23.82
CA TYR F 9 -23.42 -16.43 -25.02
C TYR F 9 -23.42 -14.92 -24.71
N ILE F 10 -24.15 -14.53 -23.68
CA ILE F 10 -24.20 -13.14 -23.25
C ILE F 10 -22.84 -12.76 -22.69
N GLY F 11 -22.29 -13.64 -21.86
CA GLY F 11 -20.95 -13.47 -21.29
C GLY F 11 -19.89 -13.30 -22.36
N ALA F 12 -19.98 -14.09 -23.42
CA ALA F 12 -19.04 -14.02 -24.54
C ALA F 12 -19.11 -12.67 -25.26
N GLY F 13 -20.33 -12.17 -25.47
CA GLY F 13 -20.51 -10.82 -26.01
C GLY F 13 -19.94 -9.72 -25.12
N ILE F 14 -20.14 -9.86 -23.81
CA ILE F 14 -19.63 -8.88 -22.84
C ILE F 14 -18.10 -8.88 -22.83
N SER F 15 -17.51 -10.06 -22.98
CA SER F 15 -16.04 -10.22 -23.07
C SER F 15 -15.31 -9.42 -24.14
N THR F 16 -16.01 -9.02 -25.21
CA THR F 16 -15.38 -8.26 -26.28
C THR F 16 -15.27 -6.75 -26.01
N ILE F 17 -16.07 -6.23 -25.08
CA ILE F 17 -16.05 -4.78 -24.78
C ILE F 17 -14.64 -4.30 -24.49
N GLY F 18 -13.90 -5.08 -23.70
CA GLY F 18 -12.55 -4.73 -23.32
C GLY F 18 -11.56 -4.58 -24.47
N LEU F 19 -11.89 -5.12 -25.65
CA LEU F 19 -11.09 -4.92 -26.87
C LEU F 19 -10.96 -3.43 -27.26
N LEU F 20 -11.88 -2.59 -26.79
CA LEU F 20 -11.81 -1.17 -27.12
C LEU F 20 -10.51 -0.52 -26.62
N GLY F 21 -9.97 -1.00 -25.49
CA GLY F 21 -8.73 -0.50 -24.93
C GLY F 21 -7.53 -0.74 -25.84
N ALA F 22 -7.46 -1.94 -26.43
CA ALA F 22 -6.45 -2.26 -27.42
C ALA F 22 -6.62 -1.42 -28.70
N GLY F 23 -7.86 -1.27 -29.16
CA GLY F 23 -8.12 -0.44 -30.33
C GLY F 23 -7.55 0.97 -30.13
N ILE F 24 -7.88 1.59 -29.00
CA ILE F 24 -7.43 2.93 -28.69
C ILE F 24 -5.93 2.92 -28.42
N GLY F 25 -5.50 1.99 -27.57
CA GLY F 25 -4.10 1.89 -27.15
C GLY F 25 -3.14 1.71 -28.30
N ILE F 26 -3.42 0.74 -29.17
CA ILE F 26 -2.58 0.52 -30.37
C ILE F 26 -2.38 1.81 -31.15
N ALA F 27 -3.45 2.58 -31.30
CA ALA F 27 -3.39 3.83 -32.04
C ALA F 27 -2.53 4.87 -31.34
N ILE F 28 -2.68 4.96 -30.01
CA ILE F 28 -1.93 5.92 -29.20
C ILE F 28 -0.44 5.70 -29.41
N VAL F 29 -0.03 4.43 -29.46
CA VAL F 29 1.36 4.07 -29.68
C VAL F 29 1.84 4.51 -31.08
N PHE F 30 1.04 4.19 -32.12
CA PHE F 30 1.38 4.55 -33.49
C PHE F 30 1.36 6.06 -33.73
N ALA F 31 0.48 6.76 -33.03
CA ALA F 31 0.45 8.23 -33.09
C ALA F 31 1.76 8.83 -32.55
N ALA F 32 2.26 8.32 -31.43
CA ALA F 32 3.53 8.78 -30.87
C ALA F 32 4.70 8.47 -31.81
N LEU F 33 4.68 7.29 -32.41
CA LEU F 33 5.70 6.91 -33.42
C LEU F 33 5.76 7.93 -34.54
N ILE F 34 4.59 8.31 -35.07
CA ILE F 34 4.50 9.18 -36.24
C ILE F 34 4.92 10.61 -35.87
N ASN F 35 4.43 11.06 -34.72
CA ASN F 35 4.78 12.36 -34.14
CA ASN F 35 4.79 12.39 -34.23
C ASN F 35 6.28 12.44 -33.88
N GLY F 36 6.81 11.41 -33.24
CA GLY F 36 8.25 11.38 -32.90
C GLY F 36 9.18 11.36 -34.11
N VAL F 37 8.77 10.65 -35.17
CA VAL F 37 9.57 10.57 -36.40
C VAL F 37 9.46 11.84 -37.24
N SER F 38 8.29 12.49 -37.21
CA SER F 38 8.15 13.78 -37.89
C SER F 38 9.06 14.84 -37.27
N ARG F 39 9.13 14.84 -35.95
CA ARG F 39 9.89 15.86 -35.19
C ARG F 39 11.39 15.60 -35.28
N ASN F 40 11.76 14.32 -35.41
CA ASN F 40 13.15 13.91 -35.40
C ASN F 40 13.36 12.65 -36.27
N PRO F 41 13.39 12.82 -37.61
CA PRO F 41 13.55 11.66 -38.50
C PRO F 41 14.67 10.71 -38.12
N SER F 42 15.78 11.25 -37.61
CA SER F 42 16.94 10.42 -37.31
C SER F 42 16.73 9.43 -36.16
N ILE F 43 15.61 9.54 -35.44
CA ILE F 43 15.36 8.66 -34.30
C ILE F 43 14.56 7.39 -34.65
N LYS F 44 14.05 7.30 -35.88
CA LYS F 44 13.15 6.21 -36.29
C LYS F 44 13.59 4.77 -35.96
N ASP F 45 14.88 4.43 -36.16
CA ASP F 45 15.36 3.03 -35.89
C ASP F 45 15.37 2.73 -34.40
N THR F 46 15.43 3.77 -33.58
CA THR F 46 15.40 3.59 -32.14
C THR F 46 13.95 3.45 -31.65
N VAL F 47 13.04 4.25 -32.18
CA VAL F 47 11.69 4.27 -31.65
C VAL F 47 10.74 3.26 -32.33
N PHE F 48 11.04 2.86 -33.56
CA PHE F 48 10.22 1.81 -34.20
C PHE F 48 10.05 0.54 -33.35
N PRO F 49 11.16 -0.09 -32.88
CA PRO F 49 11.06 -1.30 -32.04
C PRO F 49 10.31 -1.06 -30.74
N MET F 50 10.43 0.14 -30.19
CA MET F 50 9.65 0.57 -29.00
C MET F 50 8.16 0.59 -29.29
N ALA F 51 7.78 1.10 -30.46
CA ALA F 51 6.39 1.07 -30.92
C ALA F 51 5.83 -0.35 -31.11
N ILE F 52 6.63 -1.24 -31.69
CA ILE F 52 6.24 -2.64 -31.84
C ILE F 52 6.01 -3.26 -30.48
N LEU F 53 6.92 -3.01 -29.54
CA LEU F 53 6.80 -3.55 -28.19
C LEU F 53 5.56 -2.97 -27.47
N GLY F 54 5.37 -1.64 -27.56
CA GLY F 54 4.18 -1.00 -26.99
C GLY F 54 2.89 -1.59 -27.56
N PHE F 55 2.79 -1.66 -28.89
CA PHE F 55 1.65 -2.30 -29.56
C PHE F 55 1.36 -3.74 -29.09
N ALA F 56 2.40 -4.55 -28.94
CA ALA F 56 2.20 -5.98 -28.66
C ALA F 56 1.69 -6.15 -27.25
N LEU F 57 2.16 -5.28 -26.35
CA LEU F 57 1.76 -5.33 -24.96
C LEU F 57 0.33 -4.83 -24.78
N SER F 58 -0.01 -3.76 -25.47
CA SER F 58 -1.38 -3.22 -25.40
C SER F 58 -2.38 -4.23 -26.03
N GLU F 59 -2.04 -4.70 -27.23
CA GLU F 59 -2.75 -5.79 -27.92
C GLU F 59 -3.04 -7.03 -27.05
N ALA F 60 -2.07 -7.43 -26.22
CA ALA F 60 -2.19 -8.61 -25.36
C ALA F 60 -3.38 -8.53 -24.41
N THR F 61 -3.66 -7.33 -23.91
CA THR F 61 -4.80 -7.09 -23.01
C THR F 61 -6.09 -7.42 -23.73
N GLY F 62 -6.16 -7.07 -25.02
CA GLY F 62 -7.31 -7.36 -25.86
C GLY F 62 -7.47 -8.85 -26.13
N LEU F 63 -6.35 -9.53 -26.29
CA LEU F 63 -6.37 -10.97 -26.57
C LEU F 63 -6.75 -11.81 -25.33
N PHE F 64 -6.46 -11.31 -24.13
CA PHE F 64 -6.99 -11.94 -22.91
C PHE F 64 -8.51 -11.87 -22.89
N CYS F 65 -9.08 -10.74 -23.32
CA CYS F 65 -10.52 -10.59 -23.48
C CYS F 65 -11.12 -11.59 -24.45
N LEU F 66 -10.53 -11.68 -25.64
CA LEU F 66 -11.01 -12.58 -26.68
C LEU F 66 -10.93 -14.03 -26.22
N MET F 67 -9.88 -14.33 -25.45
CA MET F 67 -9.63 -15.65 -24.87
C MET F 67 -10.78 -16.11 -23.97
N VAL F 68 -11.22 -15.22 -23.08
CA VAL F 68 -12.36 -15.49 -22.20
C VAL F 68 -13.64 -15.66 -23.01
N SER F 69 -13.81 -14.82 -24.03
CA SER F 69 -14.93 -14.91 -24.96
C SER F 69 -14.99 -16.27 -25.65
N PHE F 70 -13.84 -16.73 -26.13
CA PHE F 70 -13.70 -18.02 -26.82
C PHE F 70 -13.92 -19.19 -25.85
N LEU F 71 -13.39 -19.04 -24.63
CA LEU F 71 -13.67 -20.00 -23.55
C LEU F 71 -15.16 -20.11 -23.27
N LEU F 72 -15.87 -18.99 -23.30
CA LEU F 72 -17.31 -19.02 -23.08
C LEU F 72 -18.08 -19.55 -24.29
N LEU F 73 -17.56 -19.32 -25.49
CA LEU F 73 -18.19 -19.77 -26.71
C LEU F 73 -17.98 -21.26 -27.01
N PHE F 74 -16.80 -21.78 -26.68
CA PHE F 74 -16.39 -23.11 -27.12
C PHE F 74 -15.82 -23.96 -25.99
N GLY F 75 -15.49 -23.33 -24.85
CA GLY F 75 -14.88 -24.04 -23.72
C GLY F 75 -15.91 -24.73 -22.85
N GLN G 2 -27.73 -23.91 -11.31
CA GLN G 2 -27.85 -23.42 -12.72
C GLN G 2 -27.75 -21.90 -12.76
N LEU G 3 -28.63 -21.23 -12.03
CA LEU G 3 -28.62 -19.78 -11.92
C LEU G 3 -27.27 -19.29 -11.38
N VAL G 4 -26.71 -20.03 -10.43
CA VAL G 4 -25.37 -19.78 -9.92
C VAL G 4 -24.32 -19.95 -11.02
N LEU G 5 -24.49 -20.99 -11.83
CA LEU G 5 -23.56 -21.26 -12.92
C LEU G 5 -23.67 -20.20 -14.01
N ALA G 6 -24.91 -19.87 -14.37
CA ALA G 6 -25.19 -18.75 -15.28
C ALA G 6 -24.51 -17.46 -14.84
N ALA G 7 -24.63 -17.14 -13.55
CA ALA G 7 -24.09 -15.89 -13.02
C ALA G 7 -22.57 -15.88 -13.06
N LYS G 8 -21.96 -17.03 -12.82
CA LYS G 8 -20.52 -17.17 -12.91
C LYS G 8 -20.02 -16.82 -14.31
N TYR G 9 -20.76 -17.26 -15.33
CA TYR G 9 -20.37 -17.02 -16.72
C TYR G 9 -20.64 -15.60 -17.18
N ILE G 10 -21.74 -15.01 -16.74
CA ILE G 10 -22.01 -13.59 -17.00
C ILE G 10 -20.92 -12.77 -16.31
N GLY G 11 -20.64 -13.12 -15.05
CA GLY G 11 -19.67 -12.40 -14.23
C GLY G 11 -18.26 -12.50 -14.76
N ALA G 12 -17.96 -13.61 -15.43
CA ALA G 12 -16.66 -13.80 -16.07
C ALA G 12 -16.51 -12.83 -17.24
N GLY G 13 -17.59 -12.64 -17.99
CA GLY G 13 -17.58 -11.71 -19.13
C GLY G 13 -17.39 -10.29 -18.66
N ILE G 14 -18.14 -9.91 -17.62
CA ILE G 14 -18.06 -8.56 -17.05
C ILE G 14 -16.68 -8.29 -16.49
N SER G 15 -16.07 -9.29 -15.86
CA SER G 15 -14.72 -9.17 -15.30
C SER G 15 -13.62 -8.77 -16.29
N THR G 16 -13.88 -8.87 -17.59
CA THR G 16 -12.86 -8.52 -18.57
C THR G 16 -12.89 -7.04 -18.98
N ILE G 17 -14.02 -6.35 -18.76
CA ILE G 17 -14.18 -4.95 -19.17
C ILE G 17 -12.98 -4.11 -18.70
N GLY G 18 -12.59 -4.30 -17.43
CA GLY G 18 -11.49 -3.55 -16.78
C GLY G 18 -10.15 -3.60 -17.48
N LEU G 19 -9.90 -4.67 -18.23
CA LEU G 19 -8.67 -4.80 -19.02
C LEU G 19 -8.43 -3.65 -20.00
N LEU G 20 -9.49 -2.91 -20.31
CA LEU G 20 -9.38 -1.80 -21.24
C LEU G 20 -8.48 -0.69 -20.66
N GLY G 21 -8.47 -0.57 -19.32
CA GLY G 21 -7.59 0.37 -18.63
C GLY G 21 -6.15 0.03 -18.91
N ALA G 22 -5.79 -1.24 -18.74
CA ALA G 22 -4.44 -1.71 -19.05
C ALA G 22 -4.11 -1.55 -20.53
N GLY G 23 -5.09 -1.73 -21.41
CA GLY G 23 -4.88 -1.57 -22.86
C GLY G 23 -4.53 -0.15 -23.26
N ILE G 24 -5.16 0.82 -22.61
CA ILE G 24 -4.93 2.22 -22.87
C ILE G 24 -3.68 2.67 -22.11
N GLY G 25 -3.58 2.28 -20.84
CA GLY G 25 -2.48 2.64 -19.98
C GLY G 25 -1.10 2.22 -20.46
N ILE G 26 -0.94 0.95 -20.81
CA ILE G 26 0.30 0.49 -21.41
C ILE G 26 0.70 1.39 -22.60
N ALA G 27 -0.28 1.75 -23.42
CA ALA G 27 -0.04 2.58 -24.61
C ALA G 27 0.38 4.01 -24.27
N ILE G 28 -0.21 4.56 -23.21
CA ILE G 28 0.13 5.88 -22.73
C ILE G 28 1.61 5.90 -22.31
N VAL G 29 2.05 4.84 -21.64
CA VAL G 29 3.42 4.78 -21.16
C VAL G 29 4.41 4.77 -22.32
N PHE G 30 4.14 3.90 -23.30
CA PHE G 30 5.04 3.75 -24.46
C PHE G 30 5.00 4.94 -25.41
N ALA G 31 3.86 5.59 -25.51
CA ALA G 31 3.73 6.88 -26.21
C ALA G 31 4.67 7.92 -25.62
N ALA G 32 4.74 7.95 -24.29
CA ALA G 32 5.61 8.91 -23.59
C ALA G 32 7.08 8.58 -23.80
N LEU G 33 7.42 7.30 -23.68
CA LEU G 33 8.77 6.80 -24.03
C LEU G 33 9.20 7.25 -25.43
N ILE G 34 8.31 7.07 -26.41
CA ILE G 34 8.64 7.36 -27.80
C ILE G 34 8.87 8.88 -27.96
N ASN G 35 7.96 9.65 -27.39
CA ASN G 35 8.07 11.11 -27.48
CA ASN G 35 8.00 11.13 -27.38
C ASN G 35 9.25 11.66 -26.68
N GLY G 36 9.50 11.11 -25.50
CA GLY G 36 10.64 11.51 -24.72
C GLY G 36 11.96 11.20 -25.42
N VAL G 37 12.05 10.04 -26.05
CA VAL G 37 13.28 9.66 -26.78
C VAL G 37 13.44 10.46 -28.10
N SER G 38 12.36 10.78 -28.79
CA SER G 38 12.44 11.70 -29.96
C SER G 38 12.96 13.11 -29.64
N ARG G 39 12.45 13.69 -28.55
CA ARG G 39 12.89 15.03 -28.10
C ARG G 39 14.34 15.02 -27.59
N ASN G 40 14.77 13.88 -27.05
CA ASN G 40 16.05 13.81 -26.34
C ASN G 40 16.63 12.39 -26.40
N PRO G 41 17.23 12.02 -27.54
CA PRO G 41 17.75 10.67 -27.71
C PRO G 41 18.71 10.21 -26.60
N SER G 42 19.53 11.11 -26.08
CA SER G 42 20.51 10.76 -25.06
C SER G 42 19.88 10.24 -23.75
N ILE G 43 18.59 10.50 -23.53
CA ILE G 43 17.91 10.06 -22.32
C ILE G 43 17.36 8.61 -22.36
N LYS G 44 17.54 7.91 -23.47
CA LYS G 44 16.97 6.58 -23.70
C LYS G 44 17.16 5.58 -22.56
N ASP G 45 18.41 5.42 -22.12
CA ASP G 45 18.77 4.45 -21.07
C ASP G 45 18.22 4.83 -19.71
N THR G 46 17.87 6.10 -19.54
CA THR G 46 17.27 6.55 -18.29
C THR G 46 15.76 6.25 -18.27
N VAL G 47 15.06 6.57 -19.35
CA VAL G 47 13.59 6.49 -19.34
C VAL G 47 13.04 5.11 -19.68
N PHE G 48 13.82 4.29 -20.38
CA PHE G 48 13.35 2.97 -20.78
C PHE G 48 12.97 2.08 -19.58
N PRO G 49 13.84 2.03 -18.54
CA PRO G 49 13.46 1.25 -17.36
C PRO G 49 12.24 1.83 -16.63
N MET G 50 12.00 3.14 -16.76
CA MET G 50 10.76 3.75 -16.24
C MET G 50 9.52 3.26 -17.00
N ALA G 51 9.65 3.19 -18.32
CA ALA G 51 8.58 2.67 -19.17
C ALA G 51 8.25 1.20 -18.87
N ILE G 52 9.28 0.39 -18.59
CA ILE G 52 9.09 -1.01 -18.26
C ILE G 52 8.36 -1.13 -16.93
N LEU G 53 8.82 -0.39 -15.93
CA LEU G 53 8.18 -0.35 -14.61
C LEU G 53 6.73 0.16 -14.71
N GLY G 54 6.51 1.26 -15.43
CA GLY G 54 5.18 1.82 -15.65
C GLY G 54 4.23 0.84 -16.35
N PHE G 55 4.70 0.26 -17.45
CA PHE G 55 3.94 -0.78 -18.17
C PHE G 55 3.50 -1.91 -17.22
N ALA G 56 4.41 -2.36 -16.36
CA ALA G 56 4.19 -3.51 -15.50
C ALA G 56 3.14 -3.25 -14.42
N LEU G 57 3.19 -2.05 -13.85
CA LEU G 57 2.22 -1.65 -12.85
C LEU G 57 0.83 -1.49 -13.46
N SER G 58 0.76 -0.90 -14.65
CA SER G 58 -0.51 -0.71 -15.34
C SER G 58 -1.13 -2.04 -15.78
N GLU G 59 -0.28 -2.88 -16.36
CA GLU G 59 -0.62 -4.25 -16.74
C GLU G 59 -1.25 -5.06 -15.60
N ALA G 60 -0.67 -4.93 -14.40
CA ALA G 60 -1.10 -5.66 -13.22
C ALA G 60 -2.58 -5.46 -12.87
N THR G 61 -3.11 -4.27 -13.11
CA THR G 61 -4.53 -3.99 -12.83
C THR G 61 -5.41 -4.83 -13.77
N GLY G 62 -4.94 -4.99 -15.00
CA GLY G 62 -5.57 -5.88 -15.96
C GLY G 62 -5.52 -7.32 -15.51
N LEU G 63 -4.35 -7.73 -15.02
CA LEU G 63 -4.12 -9.08 -14.48
C LEU G 63 -5.16 -9.43 -13.42
N PHE G 64 -5.46 -8.49 -12.53
CA PHE G 64 -6.38 -8.71 -11.42
C PHE G 64 -7.84 -8.88 -11.87
N CYS G 65 -8.23 -8.17 -12.93
CA CYS G 65 -9.51 -8.39 -13.59
C CYS G 65 -9.61 -9.80 -14.19
N LEU G 66 -8.53 -10.25 -14.80
CA LEU G 66 -8.49 -11.53 -15.46
C LEU G 66 -8.52 -12.66 -14.43
N MET G 67 -7.76 -12.48 -13.34
CA MET G 67 -7.77 -13.40 -12.23
C MET G 67 -9.18 -13.62 -11.69
N VAL G 68 -9.94 -12.54 -11.51
CA VAL G 68 -11.31 -12.65 -11.03
C VAL G 68 -12.17 -13.34 -12.09
N SER G 69 -11.91 -13.01 -13.35
CA SER G 69 -12.55 -13.67 -14.48
C SER G 69 -12.35 -15.18 -14.45
N PHE G 70 -11.14 -15.61 -14.08
CA PHE G 70 -10.81 -17.04 -14.05
C PHE G 70 -11.31 -17.74 -12.79
N LEU G 71 -11.48 -16.98 -11.71
CA LEU G 71 -12.11 -17.52 -10.50
C LEU G 71 -13.58 -17.82 -10.74
N LEU G 72 -14.22 -17.00 -11.58
CA LEU G 72 -15.61 -17.20 -11.94
C LEU G 72 -15.79 -18.28 -13.01
N LEU G 73 -14.77 -18.51 -13.84
CA LEU G 73 -14.81 -19.59 -14.83
C LEU G 73 -14.45 -20.97 -14.28
N PHE G 74 -13.47 -21.02 -13.37
CA PHE G 74 -12.88 -22.30 -12.95
C PHE G 74 -12.78 -22.51 -11.43
N GLY G 75 -12.99 -21.46 -10.65
CA GLY G 75 -12.84 -21.54 -9.19
C GLY G 75 -14.12 -21.91 -8.48
N GLN H 2 -29.71 -19.68 -3.94
CA GLN H 2 -29.15 -19.69 -5.31
C GLN H 2 -29.19 -18.30 -5.94
N LEU H 3 -30.26 -17.55 -5.66
CA LEU H 3 -30.39 -16.20 -6.21
C LEU H 3 -29.41 -15.23 -5.55
N VAL H 4 -29.13 -15.45 -4.27
CA VAL H 4 -28.17 -14.64 -3.53
C VAL H 4 -26.74 -14.91 -4.02
N LEU H 5 -26.34 -16.17 -4.06
CA LEU H 5 -25.00 -16.55 -4.54
C LEU H 5 -24.76 -16.03 -5.96
N ALA H 6 -25.77 -16.19 -6.82
CA ALA H 6 -25.69 -15.69 -8.19
C ALA H 6 -25.37 -14.19 -8.21
N ALA H 7 -26.09 -13.44 -7.37
CA ALA H 7 -25.88 -12.01 -7.24
C ALA H 7 -24.47 -11.65 -6.77
N LYS H 8 -23.92 -12.41 -5.83
CA LYS H 8 -22.57 -12.08 -5.37
C LYS H 8 -21.47 -12.34 -6.41
N TYR H 9 -21.75 -13.23 -7.38
CA TYR H 9 -20.83 -13.47 -8.49
C TYR H 9 -20.92 -12.43 -9.62
N ILE H 10 -22.13 -11.98 -9.91
CA ILE H 10 -22.34 -10.85 -10.82
C ILE H 10 -21.72 -9.59 -10.22
N GLY H 11 -22.06 -9.29 -8.96
CA GLY H 11 -21.51 -8.15 -8.24
C GLY H 11 -19.99 -8.13 -8.23
N ALA H 12 -19.39 -9.31 -8.06
CA ALA H 12 -17.94 -9.47 -8.06
C ALA H 12 -17.31 -9.10 -9.41
N GLY H 13 -17.95 -9.53 -10.51
CA GLY H 13 -17.49 -9.15 -11.85
C GLY H 13 -17.62 -7.65 -12.09
N ILE H 14 -18.70 -7.06 -11.60
CA ILE H 14 -18.96 -5.65 -11.81
C ILE H 14 -17.92 -4.83 -11.03
N SER H 15 -17.53 -5.32 -9.85
CA SER H 15 -16.59 -4.64 -8.96
C SER H 15 -15.19 -4.45 -9.52
N THR H 16 -14.84 -5.21 -10.54
CA THR H 16 -13.52 -5.09 -11.13
C THR H 16 -13.46 -4.01 -12.21
N ILE H 17 -14.62 -3.48 -12.63
CA ILE H 17 -14.67 -2.53 -13.74
C ILE H 17 -13.83 -1.29 -13.43
N GLY H 18 -13.97 -0.80 -12.20
CA GLY H 18 -13.27 0.40 -11.74
C GLY H 18 -11.75 0.29 -11.71
N LEU H 19 -11.21 -0.91 -11.81
CA LEU H 19 -9.75 -1.10 -11.93
C LEU H 19 -9.18 -0.44 -13.20
N LEU H 20 -10.04 -0.22 -14.20
CA LEU H 20 -9.62 0.45 -15.42
C LEU H 20 -9.06 1.86 -15.13
N GLY H 21 -9.55 2.50 -14.05
CA GLY H 21 -9.11 3.85 -13.67
C GLY H 21 -7.66 3.84 -13.20
N ALA H 22 -7.31 2.85 -12.40
CA ALA H 22 -5.95 2.66 -11.93
C ALA H 22 -5.01 2.33 -13.10
N GLY H 23 -5.42 1.39 -13.97
CA GLY H 23 -4.71 1.09 -15.22
C GLY H 23 -4.31 2.32 -16.02
N ILE H 24 -5.28 3.21 -16.27
CA ILE H 24 -5.03 4.42 -17.05
C ILE H 24 -4.22 5.42 -16.21
N GLY H 25 -4.61 5.57 -14.94
CA GLY H 25 -3.97 6.51 -14.03
C GLY H 25 -2.52 6.21 -13.66
N ILE H 26 -2.21 4.95 -13.37
CA ILE H 26 -0.81 4.61 -13.17
C ILE H 26 0.01 5.07 -14.40
N ALA H 27 -0.53 4.83 -15.59
CA ALA H 27 0.14 5.17 -16.84
C ALA H 27 0.32 6.69 -17.01
N ILE H 28 -0.71 7.46 -16.65
CA ILE H 28 -0.66 8.91 -16.73
C ILE H 28 0.51 9.44 -15.86
N VAL H 29 0.67 8.88 -14.67
CA VAL H 29 1.75 9.28 -13.78
C VAL H 29 3.11 8.97 -14.42
N PHE H 30 3.27 7.77 -14.97
CA PHE H 30 4.53 7.37 -15.59
C PHE H 30 4.84 8.11 -16.88
N ALA H 31 3.81 8.43 -17.67
CA ALA H 31 3.95 9.29 -18.84
C ALA H 31 4.53 10.67 -18.49
N ALA H 32 4.04 11.26 -17.40
CA ALA H 32 4.54 12.56 -16.93
C ALA H 32 5.98 12.46 -16.47
N LEU H 33 6.29 11.39 -15.73
CA LEU H 33 7.65 11.10 -15.27
C LEU H 33 8.63 11.05 -16.44
N ILE H 34 8.26 10.30 -17.46
CA ILE H 34 9.14 10.08 -18.60
C ILE H 34 9.32 11.40 -19.36
N ASN H 35 8.21 12.10 -19.57
CA ASN H 35 8.25 13.35 -20.30
CA ASN H 35 8.19 13.38 -20.27
C ASN H 35 8.98 14.44 -19.50
N GLY H 36 8.79 14.44 -18.19
CA GLY H 36 9.47 15.38 -17.31
C GLY H 36 10.97 15.18 -17.37
N VAL H 37 11.41 13.92 -17.27
CA VAL H 37 12.84 13.62 -17.26
C VAL H 37 13.48 13.84 -18.63
N SER H 38 12.75 13.56 -19.72
CA SER H 38 13.26 13.86 -21.06
C SER H 38 13.56 15.34 -21.27
N ARG H 39 12.65 16.21 -20.85
CA ARG H 39 12.81 17.66 -21.03
C ARG H 39 13.85 18.21 -20.03
N ASN H 40 13.98 17.56 -18.87
CA ASN H 40 14.87 18.08 -17.84
C ASN H 40 15.56 16.97 -17.09
N PRO H 41 16.62 16.37 -17.68
CA PRO H 41 17.17 15.18 -17.00
C PRO H 41 17.62 15.37 -15.57
N SER H 42 18.05 16.59 -15.22
CA SER H 42 18.54 16.88 -13.86
C SER H 42 17.43 16.85 -12.79
N ILE H 43 16.16 16.87 -13.20
CA ILE H 43 15.06 16.92 -12.21
C ILE H 43 14.64 15.50 -11.72
N LYS H 44 15.25 14.48 -12.32
CA LYS H 44 14.86 13.08 -12.13
C LYS H 44 14.69 12.64 -10.66
N ASP H 45 15.66 13.01 -9.81
CA ASP H 45 15.70 12.61 -8.39
C ASP H 45 14.61 13.30 -7.61
N THR H 46 14.11 14.42 -8.14
CA THR H 46 13.05 15.19 -7.50
C THR H 46 11.66 14.63 -7.82
N VAL H 47 11.43 14.29 -9.07
CA VAL H 47 10.09 13.91 -9.49
C VAL H 47 9.84 12.41 -9.36
N PHE H 48 10.90 11.62 -9.29
CA PHE H 48 10.75 10.17 -9.14
C PHE H 48 9.95 9.81 -7.88
N PRO H 49 10.30 10.40 -6.72
CA PRO H 49 9.49 10.13 -5.53
C PRO H 49 8.02 10.57 -5.70
N MET H 50 7.79 11.63 -6.49
CA MET H 50 6.42 12.09 -6.80
C MET H 50 5.64 11.08 -7.63
N ALA H 51 6.34 10.42 -8.56
CA ALA H 51 5.76 9.37 -9.39
C ALA H 51 5.42 8.11 -8.59
N ILE H 52 6.25 7.79 -7.60
CA ILE H 52 6.01 6.68 -6.71
C ILE H 52 4.79 6.96 -5.87
N LEU H 53 4.69 8.19 -5.35
CA LEU H 53 3.54 8.59 -4.52
C LEU H 53 2.24 8.59 -5.33
N GLY H 54 2.29 9.16 -6.53
CA GLY H 54 1.11 9.27 -7.40
C GLY H 54 0.58 7.95 -7.93
N PHE H 55 1.45 7.05 -8.36
CA PHE H 55 0.98 5.75 -8.83
C PHE H 55 0.40 4.94 -7.64
N ALA H 56 1.03 5.08 -6.48
CA ALA H 56 0.57 4.41 -5.25
C ALA H 56 -0.86 4.79 -4.93
N LEU H 57 -1.14 6.09 -4.95
CA LEU H 57 -2.43 6.61 -4.56
C LEU H 57 -3.46 6.25 -5.62
N SER H 58 -3.07 6.31 -6.89
CA SER H 58 -3.95 5.89 -7.96
C SER H 58 -4.25 4.36 -7.91
N GLU H 59 -3.22 3.57 -7.67
CA GLU H 59 -3.32 2.12 -7.44
C GLU H 59 -4.30 1.77 -6.30
N ALA H 60 -4.23 2.51 -5.19
CA ALA H 60 -5.14 2.32 -4.04
C ALA H 60 -6.63 2.23 -4.42
N THR H 61 -7.05 3.06 -5.37
CA THR H 61 -8.45 3.05 -5.83
C THR H 61 -8.86 1.72 -6.46
N GLY H 62 -7.97 1.12 -7.23
CA GLY H 62 -8.22 -0.19 -7.83
C GLY H 62 -8.25 -1.29 -6.77
N LEU H 63 -7.42 -1.12 -5.75
CA LEU H 63 -7.36 -2.04 -4.62
C LEU H 63 -8.67 -2.03 -3.84
N PHE H 64 -9.28 -0.84 -3.70
CA PHE H 64 -10.59 -0.75 -3.04
C PHE H 64 -11.67 -1.47 -3.82
N CYS H 65 -11.60 -1.40 -5.16
CA CYS H 65 -12.50 -2.16 -6.02
C CYS H 65 -12.32 -3.67 -5.80
N LEU H 66 -11.06 -4.10 -5.72
CA LEU H 66 -10.72 -5.51 -5.64
C LEU H 66 -11.11 -6.11 -4.29
N MET H 67 -11.06 -5.27 -3.25
CA MET H 67 -11.49 -5.61 -1.91
C MET H 67 -12.98 -5.93 -1.87
N VAL H 68 -13.79 -5.09 -2.52
CA VAL H 68 -15.23 -5.33 -2.60
C VAL H 68 -15.49 -6.61 -3.40
N SER H 69 -14.78 -6.75 -4.52
CA SER H 69 -14.80 -7.96 -5.34
C SER H 69 -14.51 -9.24 -4.53
N PHE H 70 -13.47 -9.19 -3.70
CA PHE H 70 -13.07 -10.34 -2.89
C PHE H 70 -14.08 -10.63 -1.79
N LEU H 71 -14.65 -9.57 -1.21
CA LEU H 71 -15.68 -9.69 -0.18
C LEU H 71 -16.98 -10.28 -0.73
N LEU H 72 -17.19 -10.11 -2.03
CA LEU H 72 -18.34 -10.71 -2.71
C LEU H 72 -18.10 -12.16 -3.13
N LEU H 73 -16.85 -12.50 -3.47
CA LEU H 73 -16.47 -13.86 -3.83
C LEU H 73 -16.40 -14.76 -2.60
N PHE H 74 -15.52 -14.41 -1.66
CA PHE H 74 -15.34 -15.21 -0.44
C PHE H 74 -16.00 -14.51 0.75
N GLY H 75 -17.33 -14.63 0.83
CA GLY H 75 -18.13 -13.90 1.82
C GLY H 75 -18.34 -14.67 3.10
N GLN I 2 -34.52 -12.93 -0.13
CA GLN I 2 -33.45 -13.29 -1.09
C GLN I 2 -33.23 -12.18 -2.11
N LEU I 3 -34.33 -11.60 -2.58
CA LEU I 3 -34.32 -10.57 -3.61
C LEU I 3 -33.65 -9.28 -3.11
N VAL I 4 -33.91 -8.91 -1.87
CA VAL I 4 -33.31 -7.72 -1.27
C VAL I 4 -31.81 -7.88 -1.06
N LEU I 5 -31.38 -9.03 -0.56
CA LEU I 5 -29.96 -9.31 -0.41
C LEU I 5 -29.26 -9.25 -1.77
N ALA I 6 -29.85 -9.90 -2.76
CA ALA I 6 -29.32 -9.95 -4.12
C ALA I 6 -29.08 -8.54 -4.67
N ALA I 7 -30.05 -7.67 -4.43
CA ALA I 7 -29.95 -6.28 -4.88
C ALA I 7 -28.87 -5.51 -4.12
N LYS I 8 -28.77 -5.77 -2.81
CA LYS I 8 -27.68 -5.24 -1.98
C LYS I 8 -26.30 -5.62 -2.54
N TYR I 9 -26.16 -6.87 -2.99
CA TYR I 9 -24.87 -7.34 -3.52
C TYR I 9 -24.52 -6.80 -4.92
N ILE I 10 -25.49 -6.81 -5.84
CA ILE I 10 -25.31 -6.22 -7.18
C ILE I 10 -25.00 -4.72 -7.02
N GLY I 11 -25.85 -4.02 -6.27
CA GLY I 11 -25.69 -2.60 -5.99
C GLY I 11 -24.31 -2.27 -5.44
N ALA I 12 -23.82 -3.11 -4.53
CA ALA I 12 -22.48 -2.96 -3.97
C ALA I 12 -21.40 -2.97 -5.06
N GLY I 13 -21.54 -3.89 -6.00
CA GLY I 13 -20.62 -3.98 -7.12
C GLY I 13 -20.71 -2.79 -8.06
N ILE I 14 -21.94 -2.37 -8.34
CA ILE I 14 -22.17 -1.20 -9.17
C ILE I 14 -21.55 0.05 -8.52
N SER I 15 -21.62 0.16 -7.19
CA SER I 15 -21.10 1.33 -6.47
C SER I 15 -19.59 1.56 -6.60
N THR I 16 -18.82 0.54 -6.97
CA THR I 16 -17.37 0.73 -7.07
C THR I 16 -16.94 1.33 -8.41
N ILE I 17 -17.83 1.28 -9.42
CA ILE I 17 -17.52 1.79 -10.76
C ILE I 17 -16.93 3.21 -10.69
N GLY I 18 -17.70 4.11 -10.08
CA GLY I 18 -17.29 5.50 -9.87
C GLY I 18 -15.90 5.71 -9.32
N LEU I 19 -15.35 4.73 -8.60
CA LEU I 19 -13.94 4.80 -8.18
C LEU I 19 -12.93 5.03 -9.32
N LEU I 20 -13.32 4.67 -10.56
CA LEU I 20 -12.41 4.87 -11.71
C LEU I 20 -12.07 6.36 -11.89
N GLY I 21 -13.03 7.22 -11.54
CA GLY I 21 -12.84 8.67 -11.59
C GLY I 21 -11.67 9.13 -10.73
N ALA I 22 -11.61 8.64 -9.49
CA ALA I 22 -10.50 8.98 -8.59
C ALA I 22 -9.17 8.37 -9.08
N GLY I 23 -9.22 7.16 -9.63
CA GLY I 23 -8.03 6.51 -10.20
C GLY I 23 -7.35 7.35 -11.26
N ILE I 24 -8.13 7.83 -12.24
CA ILE I 24 -7.64 8.73 -13.28
C ILE I 24 -7.34 10.12 -12.69
N GLY I 25 -8.26 10.64 -11.86
CA GLY I 25 -8.17 11.98 -11.30
C GLY I 25 -6.95 12.25 -10.47
N ILE I 26 -6.66 11.34 -9.54
CA ILE I 26 -5.45 11.42 -8.72
C ILE I 26 -4.22 11.54 -9.63
N ALA I 27 -4.21 10.74 -10.69
CA ALA I 27 -3.08 10.69 -11.59
C ALA I 27 -2.89 12.01 -12.36
N ILE I 28 -4.00 12.62 -12.76
CA ILE I 28 -3.98 13.85 -13.50
C ILE I 28 -3.31 14.93 -12.66
N VAL I 29 -3.64 14.96 -11.37
CA VAL I 29 -3.08 15.93 -10.43
C VAL I 29 -1.57 15.73 -10.33
N PHE I 30 -1.16 14.48 -10.15
CA PHE I 30 0.26 14.15 -10.03
C PHE I 30 1.07 14.34 -11.31
N ALA I 31 0.42 14.14 -12.46
CA ALA I 31 1.06 14.39 -13.77
C ALA I 31 1.42 15.87 -13.88
N ALA I 32 0.47 16.74 -13.55
CA ALA I 32 0.69 18.19 -13.52
C ALA I 32 1.81 18.60 -12.54
N LEU I 33 1.78 18.08 -11.32
CA LEU I 33 2.88 18.23 -10.36
C LEU I 33 4.27 17.92 -10.99
N ILE I 34 4.37 16.75 -11.61
CA ILE I 34 5.65 16.31 -12.16
C ILE I 34 6.07 17.21 -13.33
N ASN I 35 5.12 17.49 -14.21
CA ASN I 35 5.41 18.33 -15.36
CA ASN I 35 5.32 18.37 -15.37
C ASN I 35 5.72 19.77 -14.94
N GLY I 36 4.98 20.28 -13.96
CA GLY I 36 5.21 21.64 -13.47
C GLY I 36 6.59 21.81 -12.84
N VAL I 37 6.97 20.86 -11.99
CA VAL I 37 8.31 20.87 -11.37
C VAL I 37 9.43 20.66 -12.40
N SER I 38 9.21 19.83 -13.44
CA SER I 38 10.22 19.66 -14.50
C SER I 38 10.52 20.96 -15.25
N ARG I 39 9.47 21.70 -15.57
CA ARG I 39 9.59 22.94 -16.33
C ARG I 39 10.14 24.06 -15.45
N ASN I 40 9.86 23.99 -14.16
CA ASN I 40 10.23 25.04 -13.21
C ASN I 40 10.52 24.47 -11.81
N PRO I 41 11.73 23.91 -11.61
CA PRO I 41 12.10 23.29 -10.34
C PRO I 41 11.85 24.12 -9.08
N SER I 42 12.07 25.44 -9.18
CA SER I 42 11.96 26.33 -8.03
C SER I 42 10.51 26.47 -7.53
N ILE I 43 9.54 26.04 -8.33
CA ILE I 43 8.14 26.14 -7.89
C ILE I 43 7.65 25.01 -6.97
N LYS I 44 8.50 24.00 -6.75
CA LYS I 44 8.11 22.78 -6.04
C LYS I 44 7.34 23.03 -4.73
N ASP I 45 7.90 23.85 -3.85
CA ASP I 45 7.32 24.06 -2.53
C ASP I 45 5.96 24.76 -2.62
N THR I 46 5.72 25.48 -3.72
CA THR I 46 4.44 26.17 -3.88
C THR I 46 3.37 25.20 -4.37
N VAL I 47 3.69 24.38 -5.36
CA VAL I 47 2.66 23.58 -6.03
C VAL I 47 2.47 22.24 -5.35
N PHE I 48 3.45 21.80 -4.58
CA PHE I 48 3.28 20.50 -3.93
C PHE I 48 2.04 20.43 -2.99
N PRO I 49 1.83 21.48 -2.15
CA PRO I 49 0.61 21.50 -1.32
C PRO I 49 -0.67 21.59 -2.15
N MET I 50 -0.61 22.20 -3.34
CA MET I 50 -1.76 22.23 -4.25
C MET I 50 -2.15 20.84 -4.73
N ALA I 51 -1.13 20.03 -5.04
CA ALA I 51 -1.30 18.67 -5.49
C ALA I 51 -1.90 17.81 -4.37
N ILE I 52 -1.37 17.97 -3.15
CA ILE I 52 -1.93 17.29 -1.99
C ILE I 52 -3.42 17.62 -1.80
N LEU I 53 -3.77 18.90 -1.87
CA LEU I 53 -5.18 19.32 -1.79
C LEU I 53 -6.05 18.74 -2.91
N GLY I 54 -5.56 18.79 -4.16
CA GLY I 54 -6.35 18.34 -5.30
C GLY I 54 -6.58 16.83 -5.31
N PHE I 55 -5.54 16.07 -5.00
CA PHE I 55 -5.69 14.62 -4.95
C PHE I 55 -6.70 14.22 -3.84
N ALA I 56 -6.61 14.84 -2.68
CA ALA I 56 -7.48 14.49 -1.54
C ALA I 56 -8.97 14.73 -1.88
N LEU I 57 -9.25 15.85 -2.53
CA LEU I 57 -10.61 16.18 -2.97
C LEU I 57 -11.13 15.20 -4.05
N SER I 58 -10.28 14.90 -5.02
CA SER I 58 -10.64 13.96 -6.08
C SER I 58 -10.83 12.51 -5.54
N GLU I 59 -9.92 12.07 -4.66
CA GLU I 59 -10.01 10.77 -4.00
C GLU I 59 -11.26 10.61 -3.12
N ALA I 60 -11.65 11.69 -2.44
CA ALA I 60 -12.88 11.70 -1.67
C ALA I 60 -14.10 11.23 -2.47
N THR I 61 -14.15 11.60 -3.75
CA THR I 61 -15.30 11.28 -4.59
C THR I 61 -15.45 9.76 -4.74
N GLY I 62 -14.31 9.08 -4.86
CA GLY I 62 -14.26 7.63 -4.88
C GLY I 62 -14.51 7.02 -3.51
N LEU I 63 -14.15 7.75 -2.45
CA LEU I 63 -14.38 7.24 -1.11
C LEU I 63 -15.86 7.22 -0.77
N PHE I 64 -16.59 8.20 -1.31
CA PHE I 64 -18.05 8.26 -1.19
C PHE I 64 -18.74 7.12 -1.92
N CYS I 65 -18.22 6.74 -3.08
CA CYS I 65 -18.67 5.53 -3.79
C CYS I 65 -18.46 4.29 -2.92
N LEU I 66 -17.28 4.19 -2.33
CA LEU I 66 -16.94 3.07 -1.47
C LEU I 66 -17.81 3.04 -0.20
N MET I 67 -18.18 4.22 0.31
CA MET I 67 -19.12 4.32 1.44
C MET I 67 -20.48 3.71 1.11
N VAL I 68 -21.03 4.09 -0.05
CA VAL I 68 -22.32 3.56 -0.49
C VAL I 68 -22.20 2.04 -0.69
N SER I 69 -21.06 1.60 -1.21
CA SER I 69 -20.77 0.19 -1.39
C SER I 69 -20.78 -0.60 -0.07
N PHE I 70 -20.14 -0.05 0.98
CA PHE I 70 -20.14 -0.68 2.30
C PHE I 70 -21.49 -0.61 3.02
N LEU I 71 -22.28 0.43 2.74
CA LEU I 71 -23.63 0.53 3.31
C LEU I 71 -24.61 -0.46 2.68
N LEU I 72 -24.37 -0.82 1.42
CA LEU I 72 -25.12 -1.89 0.77
C LEU I 72 -24.65 -3.27 1.24
N LEU I 73 -23.34 -3.46 1.34
CA LEU I 73 -22.77 -4.72 1.85
C LEU I 73 -23.15 -5.02 3.31
N PHE I 74 -22.87 -4.08 4.21
CA PHE I 74 -22.97 -4.31 5.67
C PHE I 74 -24.12 -3.60 6.40
N GLY I 75 -24.49 -2.41 5.93
CA GLY I 75 -25.55 -1.63 6.56
C GLY I 75 -26.93 -2.18 6.26
N GLN J 2 -40.63 -6.06 -1.05
CA GLN J 2 -39.27 -6.60 -1.28
C GLN J 2 -38.69 -6.13 -2.61
N LEU J 3 -39.54 -6.11 -3.64
CA LEU J 3 -39.12 -5.72 -4.99
C LEU J 3 -38.81 -4.22 -5.07
N VAL J 4 -39.70 -3.39 -4.52
CA VAL J 4 -39.47 -1.95 -4.40
C VAL J 4 -38.13 -1.71 -3.69
N LEU J 5 -37.90 -2.45 -2.59
CA LEU J 5 -36.62 -2.39 -1.88
C LEU J 5 -35.45 -2.78 -2.77
N ALA J 6 -35.59 -3.89 -3.50
CA ALA J 6 -34.56 -4.33 -4.45
C ALA J 6 -34.15 -3.20 -5.40
N ALA J 7 -35.15 -2.55 -6.00
CA ALA J 7 -34.96 -1.43 -6.92
C ALA J 7 -34.24 -0.23 -6.30
N LYS J 8 -34.63 0.15 -5.08
CA LYS J 8 -34.00 1.27 -4.36
C LYS J 8 -32.49 1.04 -4.25
N TYR J 9 -32.10 -0.17 -3.90
CA TYR J 9 -30.70 -0.47 -3.61
C TYR J 9 -29.84 -0.60 -4.86
N ILE J 10 -30.40 -1.18 -5.92
CA ILE J 10 -29.67 -1.22 -7.19
C ILE J 10 -29.56 0.22 -7.70
N GLY J 11 -30.69 0.93 -7.69
CA GLY J 11 -30.74 2.35 -8.07
C GLY J 11 -29.72 3.21 -7.31
N ALA J 12 -29.67 3.03 -5.99
CA ALA J 12 -28.66 3.72 -5.18
C ALA J 12 -27.24 3.46 -5.70
N GLY J 13 -26.90 2.21 -5.94
CA GLY J 13 -25.57 1.86 -6.50
C GLY J 13 -25.28 2.54 -7.83
N ILE J 14 -26.26 2.49 -8.73
CA ILE J 14 -26.16 3.12 -10.04
C ILE J 14 -25.92 4.63 -9.91
N SER J 15 -26.60 5.25 -8.94
CA SER J 15 -26.52 6.69 -8.68
C SER J 15 -25.14 7.21 -8.34
N THR J 16 -24.24 6.34 -7.89
CA THR J 16 -22.88 6.77 -7.58
C THR J 16 -21.96 6.82 -8.82
N ILE J 17 -22.42 6.31 -9.96
CA ILE J 17 -21.55 6.28 -11.14
C ILE J 17 -21.13 7.69 -11.52
N GLY J 18 -22.12 8.59 -11.53
CA GLY J 18 -21.91 10.00 -11.86
C GLY J 18 -20.76 10.67 -11.12
N LEU J 19 -20.43 10.15 -9.93
CA LEU J 19 -19.34 10.70 -9.12
C LEU J 19 -17.96 10.69 -9.82
N LEU J 20 -17.84 9.88 -10.87
CA LEU J 20 -16.56 9.76 -11.58
C LEU J 20 -16.22 11.05 -12.34
N GLY J 21 -17.27 11.78 -12.75
CA GLY J 21 -17.12 13.08 -13.41
C GLY J 21 -16.50 14.13 -12.49
N ALA J 22 -16.88 14.10 -11.22
CA ALA J 22 -16.32 15.05 -10.26
C ALA J 22 -14.89 14.63 -9.87
N GLY J 23 -14.65 13.33 -9.74
CA GLY J 23 -13.32 12.81 -9.51
C GLY J 23 -12.30 13.24 -10.56
N ILE J 24 -12.72 13.20 -11.83
CA ILE J 24 -11.88 13.57 -12.96
C ILE J 24 -11.84 15.09 -13.08
N GLY J 25 -12.98 15.73 -12.88
CA GLY J 25 -13.12 17.18 -13.01
C GLY J 25 -12.35 17.97 -11.98
N ILE J 26 -12.49 17.60 -10.70
CA ILE J 26 -11.73 18.26 -9.66
C ILE J 26 -10.23 18.23 -10.02
N ALA J 27 -9.75 17.08 -10.46
CA ALA J 27 -8.36 16.94 -10.88
C ALA J 27 -7.95 17.82 -12.08
N ILE J 28 -8.82 17.95 -13.06
CA ILE J 28 -8.56 18.78 -14.23
C ILE J 28 -8.34 20.25 -13.82
N VAL J 29 -9.19 20.75 -12.92
CA VAL J 29 -9.06 22.08 -12.34
C VAL J 29 -7.72 22.24 -11.61
N PHE J 30 -7.35 21.28 -10.78
CA PHE J 30 -6.09 21.36 -10.00
C PHE J 30 -4.84 21.20 -10.85
N ALA J 31 -4.90 20.31 -11.85
CA ALA J 31 -3.85 20.22 -12.88
C ALA J 31 -3.56 21.56 -13.55
N ALA J 32 -4.61 22.27 -13.97
CA ALA J 32 -4.46 23.58 -14.60
C ALA J 32 -3.88 24.61 -13.64
N LEU J 33 -4.28 24.56 -12.37
CA LEU J 33 -3.75 25.44 -11.32
C LEU J 33 -2.25 25.28 -11.17
N ILE J 34 -1.82 24.02 -11.10
CA ILE J 34 -0.42 23.65 -10.93
C ILE J 34 0.37 24.06 -12.17
N ASN J 35 -0.17 23.78 -13.35
CA ASN J 35 0.55 24.11 -14.59
CA ASN J 35 0.48 24.12 -14.63
C ASN J 35 0.58 25.63 -14.80
N GLY J 36 -0.47 26.33 -14.42
CA GLY J 36 -0.53 27.78 -14.56
C GLY J 36 0.42 28.50 -13.60
N VAL J 37 0.47 28.04 -12.35
CA VAL J 37 1.44 28.56 -11.39
C VAL J 37 2.92 28.25 -11.77
N SER J 38 3.20 27.03 -12.28
CA SER J 38 4.55 26.72 -12.76
C SER J 38 5.03 27.66 -13.86
N ARG J 39 4.17 27.90 -14.84
CA ARG J 39 4.51 28.77 -15.97
C ARG J 39 4.61 30.25 -15.52
N ASN J 40 3.85 30.62 -14.50
CA ASN J 40 3.75 32.04 -14.10
C ASN J 40 3.49 32.14 -12.61
N PRO J 41 4.56 31.98 -11.80
CA PRO J 41 4.37 31.96 -10.36
C PRO J 41 3.61 33.18 -9.83
N SER J 42 3.83 34.35 -10.43
CA SER J 42 3.24 35.59 -9.91
C SER J 42 1.70 35.62 -10.02
N ILE J 43 1.13 34.70 -10.81
CA ILE J 43 -0.32 34.71 -11.08
C ILE J 43 -1.12 33.93 -10.01
N LYS J 44 -0.41 33.30 -9.07
CA LYS J 44 -1.01 32.40 -8.08
C LYS J 44 -2.28 32.93 -7.35
N ASP J 45 -2.19 34.16 -6.84
CA ASP J 45 -3.29 34.74 -6.06
C ASP J 45 -4.50 35.08 -6.94
N THR J 46 -4.26 35.23 -8.25
CA THR J 46 -5.34 35.47 -9.22
C THR J 46 -6.07 34.18 -9.58
N VAL J 47 -5.34 33.08 -9.80
CA VAL J 47 -5.96 31.84 -10.28
C VAL J 47 -6.43 30.87 -9.17
N PHE J 48 -5.80 30.90 -7.99
CA PHE J 48 -6.20 30.01 -6.89
C PHE J 48 -7.73 30.11 -6.63
N PRO J 49 -8.29 31.34 -6.47
CA PRO J 49 -9.74 31.50 -6.28
C PRO J 49 -10.56 31.02 -7.47
N MET J 50 -10.01 31.11 -8.68
CA MET J 50 -10.67 30.56 -9.87
C MET J 50 -10.73 29.03 -9.78
N ALA J 51 -9.67 28.41 -9.28
CA ALA J 51 -9.63 26.97 -9.08
C ALA J 51 -10.56 26.51 -7.95
N ILE J 52 -10.67 27.31 -6.89
CA ILE J 52 -11.59 27.01 -5.81
C ILE J 52 -13.02 26.99 -6.33
N LEU J 53 -13.40 28.03 -7.08
CA LEU J 53 -14.73 28.11 -7.68
C LEU J 53 -15.01 26.92 -8.62
N GLY J 54 -14.05 26.61 -9.51
CA GLY J 54 -14.24 25.57 -10.52
C GLY J 54 -14.34 24.17 -9.93
N PHE J 55 -13.50 23.87 -8.95
CA PHE J 55 -13.58 22.58 -8.27
C PHE J 55 -14.92 22.47 -7.52
N ALA J 56 -15.37 23.56 -6.89
CA ALA J 56 -16.64 23.57 -6.16
C ALA J 56 -17.82 23.26 -7.08
N LEU J 57 -17.86 23.95 -8.22
CA LEU J 57 -18.93 23.75 -9.19
C LEU J 57 -18.90 22.33 -9.80
N SER J 58 -17.70 21.83 -10.06
CA SER J 58 -17.55 20.48 -10.60
C SER J 58 -17.99 19.41 -9.58
N GLU J 59 -17.55 19.60 -8.33
CA GLU J 59 -17.93 18.76 -7.21
C GLU J 59 -19.45 18.74 -6.96
N ALA J 60 -20.12 19.89 -7.14
CA ALA J 60 -21.58 19.97 -6.95
C ALA J 60 -22.33 18.89 -7.76
N THR J 61 -21.80 18.53 -8.92
CA THR J 61 -22.43 17.48 -9.73
C THR J 61 -22.33 16.10 -9.08
N GLY J 62 -21.25 15.87 -8.33
CA GLY J 62 -21.11 14.65 -7.56
C GLY J 62 -22.11 14.64 -6.42
N LEU J 63 -22.16 15.76 -5.69
CA LEU J 63 -23.13 15.96 -4.63
C LEU J 63 -24.55 15.55 -5.04
N PHE J 64 -25.02 16.03 -6.19
CA PHE J 64 -26.37 15.74 -6.68
C PHE J 64 -26.59 14.25 -6.92
N CYS J 65 -25.57 13.57 -7.44
CA CYS J 65 -25.60 12.11 -7.60
C CYS J 65 -25.72 11.44 -6.24
N LEU J 66 -24.92 11.89 -5.29
CA LEU J 66 -24.90 11.32 -3.95
C LEU J 66 -26.20 11.61 -3.20
N MET J 67 -26.80 12.77 -3.48
CA MET J 67 -28.12 13.13 -2.97
C MET J 67 -29.16 12.09 -3.39
N VAL J 68 -29.22 11.81 -4.69
CA VAL J 68 -30.18 10.83 -5.22
C VAL J 68 -29.91 9.45 -4.62
N SER J 69 -28.64 9.09 -4.54
CA SER J 69 -28.19 7.87 -3.88
C SER J 69 -28.76 7.75 -2.44
N PHE J 70 -28.66 8.83 -1.66
CA PHE J 70 -29.16 8.83 -0.28
C PHE J 70 -30.68 8.81 -0.19
N LEU J 71 -31.35 9.42 -1.17
CA LEU J 71 -32.81 9.39 -1.27
C LEU J 71 -33.34 7.99 -1.49
N LEU J 72 -32.62 7.23 -2.32
CA LEU J 72 -32.97 5.84 -2.59
C LEU J 72 -32.62 4.92 -1.42
N LEU J 73 -31.49 5.17 -0.76
CA LEU J 73 -31.06 4.32 0.36
C LEU J 73 -31.94 4.43 1.59
N PHE J 74 -32.36 5.66 1.92
CA PHE J 74 -33.03 5.91 3.19
C PHE J 74 -34.42 6.52 3.02
N GLY J 75 -34.59 7.37 2.02
CA GLY J 75 -35.88 8.05 1.78
C GLY J 75 -36.91 7.14 1.13
#